data_3WN7
#
_entry.id   3WN7
#
_cell.length_a   66.138
_cell.length_b   84.394
_cell.length_c   69.818
_cell.angle_alpha   90.00
_cell.angle_beta   116.89
_cell.angle_gamma   90.00
#
_symmetry.space_group_name_H-M   'P 1 21 1'
#
loop_
_entity.id
_entity.type
_entity.pdbx_description
1 polymer 'Kelch-like ECH-associated protein 1'
2 polymer 'Peptide from Nuclear factor erythroid 2-related factor 2'
3 non-polymer 'ACETATE ION'
4 water water
#
loop_
_entity_poly.entity_id
_entity_poly.type
_entity_poly.pdbx_seq_one_letter_code
_entity_poly.pdbx_strand_id
1 'polypeptide(L)'
;MGHHHHHHDYDIPTTENLYFQGAPKVGRLIYTAGGYFRQSLSYLEAYNPSNGSWLRLADLQVPRSGLAGCVVGGLLYAVG
GRNNSPDGNTDSSALDCYNPMTNQWSPCASMSVPRNRIGVGVIDGHIYAVGGSHGCIHHSSVERYEPERDEWHLVAPMLT
RRIGVGVAVLNRLLYAVGGFDGTNRLNSAECYYPERNEWRMITPMNTIRSGAGVCVLHNCIYAAGGYDGQDQLNSVERYD
VETETWTFVAPMRHHRSALGITVHQGKIYVLGGYDGHTFLDSVECYDPDSDTWSEVTRMTSGRSGVGVAVT
;
A,L
2 'polypeptide(L)' MDLIDILWRQDIDLGVSREVFDFSQRQKDYELEKQ B,M
#
loop_
_chem_comp.id
_chem_comp.type
_chem_comp.name
_chem_comp.formula
ACT non-polymer 'ACETATE ION' 'C2 H3 O2 -1'
#
# COMPACT_ATOMS: atom_id res chain seq x y z
N VAL A 26 16.53 44.99 -4.10
CA VAL A 26 17.68 44.41 -4.84
C VAL A 26 18.13 43.06 -4.25
N GLY A 27 18.03 42.87 -2.92
CA GLY A 27 18.50 41.65 -2.21
C GLY A 27 17.73 40.36 -2.56
N ARG A 28 18.11 39.23 -1.97
CA ARG A 28 17.46 37.93 -2.32
C ARG A 28 16.01 37.95 -1.80
N LEU A 29 15.10 37.30 -2.54
CA LEU A 29 13.66 37.21 -2.14
C LEU A 29 13.29 35.79 -1.79
N ILE A 30 12.31 35.60 -0.91
CA ILE A 30 11.72 34.29 -0.60
C ILE A 30 10.51 34.15 -1.55
N TYR A 31 10.57 33.09 -2.37
CA TYR A 31 9.44 32.75 -3.27
C TYR A 31 8.55 31.69 -2.66
N THR A 32 7.23 31.88 -2.71
CA THR A 32 6.32 30.79 -2.27
C THR A 32 5.44 30.49 -3.52
N ALA A 33 5.27 29.23 -3.80
CA ALA A 33 4.55 28.76 -4.99
C ALA A 33 3.52 27.73 -4.57
N GLY A 34 2.28 27.92 -5.11
CA GLY A 34 1.30 26.90 -4.83
C GLY A 34 0.79 26.84 -3.43
N GLY A 35 0.18 25.74 -3.11
CA GLY A 35 -0.30 25.53 -1.74
C GLY A 35 -1.82 25.08 -1.74
N TYR A 36 -2.43 25.14 -0.59
CA TYR A 36 -3.87 24.67 -0.44
C TYR A 36 -4.59 25.68 0.45
N PHE A 37 -5.74 26.15 0.00
CA PHE A 37 -6.77 26.81 0.87
C PHE A 37 -8.04 26.68 0.00
N ARG A 38 -8.94 25.87 0.52
CA ARG A 38 -10.19 25.50 -0.22
C ARG A 38 -10.01 24.63 -1.44
N GLN A 39 -8.93 24.84 -2.20
CA GLN A 39 -8.51 23.93 -3.21
C GLN A 39 -6.99 24.24 -3.37
N SER A 40 -6.34 23.43 -4.17
CA SER A 40 -4.96 23.73 -4.53
C SER A 40 -4.83 24.98 -5.27
N LEU A 41 -3.70 25.66 -4.98
CA LEU A 41 -3.52 27.05 -5.41
C LEU A 41 -2.46 27.16 -6.49
N SER A 42 -2.51 28.26 -7.21
CA SER A 42 -1.56 28.65 -8.25
C SER A 42 -0.62 29.82 -7.97
N TYR A 43 -0.72 30.43 -6.80
CA TYR A 43 0.01 31.61 -6.46
C TYR A 43 1.49 31.41 -6.57
N LEU A 44 2.16 32.44 -7.12
CA LEU A 44 3.61 32.63 -6.91
C LEU A 44 3.74 34.03 -6.35
N GLU A 45 4.32 34.22 -5.17
CA GLU A 45 4.51 35.50 -4.59
C GLU A 45 5.94 35.58 -4.06
N ALA A 46 6.52 36.77 -4.05
CA ALA A 46 7.93 36.96 -3.59
C ALA A 46 7.90 37.86 -2.44
N TYR A 47 8.65 37.49 -1.39
CA TYR A 47 8.70 38.23 -0.13
C TYR A 47 10.07 38.80 0.06
N ASN A 48 10.06 40.08 0.41
CA ASN A 48 11.34 40.74 0.70
C ASN A 48 11.49 40.90 2.20
N PRO A 49 12.39 40.07 2.84
CA PRO A 49 12.37 40.14 4.26
C PRO A 49 12.96 41.45 4.82
N SER A 50 13.64 42.23 3.99
CA SER A 50 14.17 43.51 4.49
C SER A 50 13.07 44.46 4.85
N ASN A 51 11.88 44.34 4.23
CA ASN A 51 10.75 45.26 4.54
C ASN A 51 9.37 44.59 4.73
N GLY A 52 9.30 43.28 4.61
CA GLY A 52 7.99 42.55 4.74
C GLY A 52 7.05 42.65 3.56
N SER A 53 7.50 43.26 2.50
CA SER A 53 6.59 43.39 1.30
C SER A 53 6.49 42.09 0.49
N TRP A 54 5.37 41.95 -0.15
CA TRP A 54 5.04 40.86 -1.05
C TRP A 54 4.73 41.35 -2.44
N LEU A 55 5.16 40.66 -3.46
N LEU A 55 5.25 40.64 -3.46
CA LEU A 55 4.68 41.09 -4.74
CA LEU A 55 5.06 40.96 -4.92
C LEU A 55 4.13 39.81 -5.28
C LEU A 55 4.33 39.76 -5.57
N ARG A 56 3.08 39.90 -6.08
CA ARG A 56 2.51 38.76 -6.79
C ARG A 56 3.02 38.62 -8.19
N LEU A 57 3.42 37.41 -8.55
CA LEU A 57 4.09 37.14 -9.82
C LEU A 57 3.22 36.28 -10.66
N ALA A 58 3.75 35.80 -11.74
CA ALA A 58 2.96 34.93 -12.64
C ALA A 58 2.44 33.69 -11.99
N ASP A 59 1.16 33.37 -12.06
CA ASP A 59 0.63 32.11 -11.51
C ASP A 59 1.24 30.91 -12.16
N LEU A 60 1.32 29.81 -11.40
CA LEU A 60 1.65 28.51 -11.96
C LEU A 60 0.56 28.17 -13.06
N GLN A 61 0.98 27.44 -14.07
CA GLN A 61 -0.04 27.10 -15.11
C GLN A 61 -1.09 26.05 -14.69
N VAL A 62 -0.82 25.30 -13.62
CA VAL A 62 -1.68 24.26 -13.12
C VAL A 62 -1.55 24.41 -11.56
N PRO A 63 -2.67 24.52 -10.86
CA PRO A 63 -2.59 24.58 -9.37
C PRO A 63 -2.01 23.37 -8.79
N ARG A 64 -1.25 23.52 -7.69
CA ARG A 64 -0.82 22.31 -6.99
C ARG A 64 -0.51 22.66 -5.53
N SER A 65 -0.82 21.69 -4.68
CA SER A 65 -0.41 21.74 -3.26
C SER A 65 0.52 20.55 -3.05
N GLY A 66 1.30 20.57 -1.95
CA GLY A 66 2.12 19.44 -1.64
C GLY A 66 3.31 19.34 -2.59
N LEU A 67 3.68 20.45 -3.25
CA LEU A 67 4.81 20.49 -4.21
C LEU A 67 6.07 20.92 -3.38
N ALA A 68 7.21 20.95 -4.08
CA ALA A 68 8.47 21.56 -3.51
C ALA A 68 9.00 22.59 -4.43
N GLY A 69 9.77 23.53 -3.91
CA GLY A 69 10.46 24.51 -4.72
C GLY A 69 12.00 24.36 -4.52
N CYS A 70 12.77 24.78 -5.50
CA CYS A 70 14.17 24.94 -5.32
C CYS A 70 14.69 25.89 -6.37
N VAL A 71 15.94 26.27 -6.23
CA VAL A 71 16.56 27.19 -7.18
C VAL A 71 17.83 26.57 -7.71
N VAL A 72 18.01 26.69 -9.02
CA VAL A 72 19.32 26.26 -9.62
C VAL A 72 19.69 27.34 -10.63
N GLY A 73 20.90 27.88 -10.55
CA GLY A 73 21.28 28.92 -11.57
C GLY A 73 20.36 30.14 -11.68
N GLY A 74 19.84 30.52 -10.54
CA GLY A 74 19.01 31.73 -10.42
C GLY A 74 17.60 31.50 -10.94
N LEU A 75 17.29 30.28 -11.36
CA LEU A 75 15.90 29.93 -11.85
C LEU A 75 15.16 29.17 -10.72
N LEU A 76 13.86 29.45 -10.54
CA LEU A 76 13.01 28.74 -9.54
C LEU A 76 12.37 27.56 -10.24
N TYR A 77 12.35 26.43 -9.53
CA TYR A 77 11.62 25.28 -10.04
C TYR A 77 10.54 24.86 -9.07
N ALA A 78 9.41 24.41 -9.61
CA ALA A 78 8.30 23.87 -8.84
C ALA A 78 8.12 22.42 -9.27
N VAL A 79 8.06 21.50 -8.32
CA VAL A 79 8.20 20.10 -8.57
C VAL A 79 7.12 19.31 -7.84
N GLY A 80 6.40 18.46 -8.60
CA GLY A 80 5.47 17.50 -8.01
C GLY A 80 4.24 18.20 -7.43
N GLY A 81 3.63 17.50 -6.48
CA GLY A 81 2.35 18.00 -5.78
C GLY A 81 1.12 17.26 -6.30
N ARG A 82 0.00 17.90 -6.01
CA ARG A 82 -1.35 17.35 -6.40
C ARG A 82 -2.24 18.51 -6.57
N ASN A 83 -3.17 18.42 -7.58
CA ASN A 83 -4.20 19.43 -7.78
C ASN A 83 -5.47 18.90 -7.15
N ASN A 84 -5.74 19.33 -5.94
CA ASN A 84 -7.00 19.00 -5.26
C ASN A 84 -8.01 20.07 -5.67
N SER A 85 -9.03 19.72 -6.45
CA SER A 85 -9.85 20.80 -7.01
C SER A 85 -11.28 20.25 -6.89
N PRO A 86 -12.31 21.09 -7.26
CA PRO A 86 -13.66 20.51 -7.23
C PRO A 86 -13.82 19.30 -8.18
N ASP A 87 -12.91 19.15 -9.18
CA ASP A 87 -12.93 17.96 -10.11
C ASP A 87 -12.16 16.71 -9.83
N GLY A 88 -11.17 16.69 -8.93
CA GLY A 88 -10.37 15.46 -8.86
C GLY A 88 -9.20 15.76 -7.89
N ASN A 89 -8.36 14.78 -7.70
CA ASN A 89 -7.23 14.86 -6.79
C ASN A 89 -6.06 14.36 -7.64
N THR A 90 -5.58 15.15 -8.57
CA THR A 90 -4.66 14.58 -9.62
C THR A 90 -3.20 14.86 -9.18
N ASP A 91 -2.46 13.79 -8.99
CA ASP A 91 -1.05 13.96 -8.61
C ASP A 91 -0.26 14.44 -9.79
N SER A 92 0.82 15.20 -9.47
CA SER A 92 1.61 15.88 -10.48
C SER A 92 3.00 15.20 -10.63
N SER A 93 3.44 15.02 -11.88
CA SER A 93 4.80 14.69 -12.21
C SER A 93 5.50 15.90 -12.79
N ALA A 94 4.88 17.09 -12.74
CA ALA A 94 5.43 18.22 -13.48
C ALA A 94 6.67 18.83 -12.81
N LEU A 95 7.57 19.32 -13.63
CA LEU A 95 8.65 20.24 -13.29
C LEU A 95 8.46 21.48 -14.11
N ASP A 96 8.29 22.64 -13.46
CA ASP A 96 8.13 23.95 -14.14
C ASP A 96 9.18 24.89 -13.65
N CYS A 97 9.68 25.74 -14.55
CA CYS A 97 10.83 26.59 -14.24
C CYS A 97 10.33 28.03 -14.40
N TYR A 98 10.59 28.83 -13.43
CA TYR A 98 10.24 30.24 -13.42
C TYR A 98 11.47 31.12 -13.45
N ASN A 99 11.52 32.06 -14.44
CA ASN A 99 12.61 32.98 -14.52
C ASN A 99 12.29 34.32 -13.95
N PRO A 100 12.85 34.73 -12.83
CA PRO A 100 12.45 36.00 -12.15
C PRO A 100 12.77 37.23 -12.99
N MET A 101 13.73 37.10 -13.93
CA MET A 101 14.07 38.26 -14.77
CA MET A 101 14.13 38.18 -14.88
C MET A 101 12.96 38.50 -15.81
N THR A 102 12.28 37.47 -16.28
CA THR A 102 11.18 37.67 -17.26
C THR A 102 9.78 37.44 -16.71
N ASN A 103 9.68 36.95 -15.46
CA ASN A 103 8.35 36.66 -14.91
C ASN A 103 7.56 35.66 -15.73
N GLN A 104 8.26 34.67 -16.27
CA GLN A 104 7.64 33.59 -17.02
C GLN A 104 7.89 32.20 -16.52
N TRP A 105 6.85 31.39 -16.46
CA TRP A 105 6.92 29.93 -16.22
C TRP A 105 7.07 29.15 -17.49
N SER A 106 7.99 28.16 -17.47
N SER A 106 7.89 28.10 -17.48
CA SER A 106 8.18 27.26 -18.62
CA SER A 106 7.96 27.30 -18.68
C SER A 106 8.08 25.81 -18.16
C SER A 106 8.24 25.86 -18.34
N PRO A 107 7.52 24.93 -19.00
CA PRO A 107 7.55 23.53 -18.67
C PRO A 107 8.92 22.93 -18.92
N CYS A 108 9.34 22.02 -18.00
CA CYS A 108 10.49 21.22 -18.20
C CYS A 108 10.05 19.77 -18.38
N ALA A 109 10.97 18.85 -18.56
CA ALA A 109 10.61 17.44 -18.62
C ALA A 109 9.93 16.96 -17.32
N SER A 110 8.85 16.18 -17.45
CA SER A 110 8.14 15.63 -16.27
C SER A 110 8.97 14.46 -15.72
N MET A 111 8.73 14.26 -14.39
CA MET A 111 9.31 13.12 -13.73
C MET A 111 8.79 11.79 -14.22
N SER A 112 9.49 10.72 -13.83
CA SER A 112 9.09 9.36 -14.22
C SER A 112 7.69 9.04 -13.64
N VAL A 113 7.32 9.69 -12.54
CA VAL A 113 6.07 9.29 -11.89
C VAL A 113 5.56 10.55 -11.15
N PRO A 114 4.22 10.73 -10.98
CA PRO A 114 3.75 11.81 -10.08
C PRO A 114 4.21 11.59 -8.64
N ARG A 115 4.47 12.70 -7.95
CA ARG A 115 4.90 12.75 -6.58
C ARG A 115 4.25 13.83 -5.79
N ASN A 116 3.12 13.52 -5.18
CA ASN A 116 2.55 14.48 -4.18
C ASN A 116 3.28 14.37 -2.91
N ARG A 117 3.43 15.47 -2.19
CA ARG A 117 4.15 15.42 -0.87
C ARG A 117 5.60 14.94 -1.11
N ILE A 118 6.17 15.48 -2.17
CA ILE A 118 7.54 15.23 -2.58
C ILE A 118 8.52 16.01 -1.65
N GLY A 119 9.76 15.51 -1.61
CA GLY A 119 10.85 16.35 -1.02
C GLY A 119 11.90 16.55 -2.07
N VAL A 120 12.55 17.73 -2.04
CA VAL A 120 13.52 18.07 -3.12
C VAL A 120 14.74 18.70 -2.47
N GLY A 121 15.89 18.29 -3.06
CA GLY A 121 17.13 18.95 -2.66
C GLY A 121 18.00 19.10 -3.91
N VAL A 122 18.97 20.00 -3.84
CA VAL A 122 19.88 20.26 -4.96
C VAL A 122 21.30 19.83 -4.60
N ILE A 123 21.90 19.03 -5.49
CA ILE A 123 23.38 18.75 -5.32
C ILE A 123 24.06 19.12 -6.65
N ASP A 124 25.04 20.03 -6.59
CA ASP A 124 25.86 20.35 -7.78
C ASP A 124 24.99 20.59 -9.01
N GLY A 125 24.02 21.44 -8.77
CA GLY A 125 23.22 21.92 -9.93
C GLY A 125 22.17 20.94 -10.47
N HIS A 126 22.03 19.76 -9.85
CA HIS A 126 20.97 18.83 -10.15
C HIS A 126 19.91 18.71 -9.10
N ILE A 127 18.67 18.60 -9.54
CA ILE A 127 17.52 18.59 -8.62
C ILE A 127 17.20 17.14 -8.30
N TYR A 128 17.14 16.77 -7.02
CA TYR A 128 16.71 15.42 -6.63
C TYR A 128 15.29 15.49 -6.08
N ALA A 129 14.47 14.64 -6.69
CA ALA A 129 13.03 14.43 -6.28
C ALA A 129 12.93 13.17 -5.49
N VAL A 130 12.45 13.31 -4.24
CA VAL A 130 12.55 12.22 -3.27
C VAL A 130 11.13 11.83 -2.80
N GLY A 131 10.78 10.55 -2.94
CA GLY A 131 9.57 10.04 -2.32
C GLY A 131 8.28 10.63 -2.91
N GLY A 132 7.29 10.86 -2.01
CA GLY A 132 6.00 11.30 -2.49
C GLY A 132 5.06 10.17 -2.89
N SER A 133 3.90 10.56 -3.36
CA SER A 133 2.87 9.53 -3.65
C SER A 133 2.28 9.76 -5.02
N HIS A 134 1.74 8.60 -5.52
CA HIS A 134 0.94 8.61 -6.75
C HIS A 134 -0.22 7.66 -6.52
N GLY A 135 -1.40 8.23 -6.33
CA GLY A 135 -2.55 7.35 -5.98
C GLY A 135 -2.29 6.66 -4.72
N CYS A 136 -2.57 5.37 -4.62
CA CYS A 136 -2.25 4.67 -3.38
C CYS A 136 -0.83 4.27 -3.14
N ILE A 137 0.08 4.65 -4.08
CA ILE A 137 1.46 4.23 -3.99
C ILE A 137 2.28 5.30 -3.23
N HIS A 138 3.00 4.90 -2.20
CA HIS A 138 3.89 5.81 -1.45
C HIS A 138 5.29 5.37 -1.83
N HIS A 139 6.02 6.30 -2.51
CA HIS A 139 7.28 5.91 -3.09
C HIS A 139 8.43 5.94 -2.14
N SER A 140 9.36 5.00 -2.37
CA SER A 140 10.70 5.09 -1.88
C SER A 140 11.70 5.57 -2.98
N SER A 141 11.26 5.56 -4.20
CA SER A 141 12.16 5.93 -5.31
C SER A 141 12.55 7.39 -5.35
N VAL A 142 13.66 7.63 -6.04
CA VAL A 142 14.25 8.98 -6.05
C VAL A 142 14.77 9.19 -7.46
N GLU A 143 14.62 10.36 -8.01
CA GLU A 143 15.17 10.69 -9.36
C GLU A 143 15.85 12.05 -9.38
N ARG A 144 16.72 12.26 -10.34
N ARG A 144 16.69 12.22 -10.40
CA ARG A 144 17.49 13.48 -10.38
CA ARG A 144 17.65 13.33 -10.52
C ARG A 144 17.36 14.07 -11.77
C ARG A 144 17.42 14.07 -11.85
N TYR A 145 17.25 15.40 -11.78
CA TYR A 145 17.14 16.20 -13.02
C TYR A 145 18.39 16.95 -13.30
N GLU A 146 18.80 16.86 -14.57
CA GLU A 146 19.96 17.62 -15.10
CA GLU A 146 19.96 17.65 -15.09
C GLU A 146 19.43 18.81 -15.97
N PRO A 147 19.42 20.03 -15.43
CA PRO A 147 18.93 21.18 -16.23
C PRO A 147 19.58 21.36 -17.61
N GLU A 148 20.89 21.08 -17.71
CA GLU A 148 21.52 21.22 -19.04
C GLU A 148 21.08 20.23 -20.07
N ARG A 149 20.51 19.06 -19.75
CA ARG A 149 20.01 18.13 -20.67
C ARG A 149 18.46 18.04 -20.68
N ASP A 150 17.84 18.69 -19.66
CA ASP A 150 16.41 18.55 -19.50
C ASP A 150 15.99 17.12 -19.42
N GLU A 151 16.69 16.36 -18.58
CA GLU A 151 16.38 14.91 -18.38
C GLU A 151 16.34 14.55 -16.88
N TRP A 152 15.46 13.61 -16.61
CA TRP A 152 15.34 12.96 -15.26
C TRP A 152 15.80 11.53 -15.38
N HIS A 153 16.54 11.05 -14.34
CA HIS A 153 16.85 9.60 -14.30
C HIS A 153 16.76 9.15 -12.88
N LEU A 154 16.21 7.95 -12.70
CA LEU A 154 16.16 7.37 -11.38
C LEU A 154 17.55 7.06 -10.82
N VAL A 155 17.68 7.27 -9.53
CA VAL A 155 18.91 6.85 -8.74
C VAL A 155 18.46 5.85 -7.72
N ALA A 156 19.33 5.44 -6.81
CA ALA A 156 18.92 4.44 -5.85
C ALA A 156 17.76 4.89 -4.97
N PRO A 157 16.84 3.96 -4.67
CA PRO A 157 15.71 4.31 -3.78
C PRO A 157 16.13 4.46 -2.33
N MET A 158 15.34 5.27 -1.61
CA MET A 158 15.50 5.29 -0.11
C MET A 158 15.31 3.91 0.50
N LEU A 159 15.69 3.80 1.75
CA LEU A 159 15.50 2.56 2.52
C LEU A 159 14.04 2.49 3.03
N THR A 160 13.25 3.58 2.89
CA THR A 160 11.94 3.70 3.51
C THR A 160 11.08 4.41 2.47
N ARG A 161 9.87 3.94 2.31
CA ARG A 161 8.86 4.80 1.62
C ARG A 161 8.57 6.09 2.39
N ARG A 162 8.61 7.26 1.73
CA ARG A 162 8.33 8.51 2.50
C ARG A 162 7.58 9.49 1.69
N ILE A 163 6.45 9.90 2.22
CA ILE A 163 5.78 11.09 1.65
C ILE A 163 5.72 12.10 2.70
N GLY A 164 5.67 13.39 2.32
CA GLY A 164 5.57 14.40 3.37
C GLY A 164 6.95 14.46 4.06
N VAL A 165 8.01 14.09 3.36
CA VAL A 165 9.41 14.00 3.82
C VAL A 165 10.02 15.39 3.65
N GLY A 166 10.88 15.74 4.57
CA GLY A 166 11.63 17.01 4.38
C GLY A 166 13.05 16.68 3.96
N VAL A 167 13.63 17.52 3.13
CA VAL A 167 14.95 17.26 2.50
C VAL A 167 15.83 18.47 2.67
N ALA A 168 17.09 18.19 2.99
CA ALA A 168 18.10 19.28 3.00
C ALA A 168 19.44 18.67 2.59
N VAL A 169 20.32 19.52 2.06
CA VAL A 169 21.59 19.07 1.56
C VAL A 169 22.66 19.80 2.34
N LEU A 170 23.69 19.09 2.76
CA LEU A 170 24.81 19.73 3.45
C LEU A 170 26.07 19.02 3.00
N ASN A 171 27.04 19.80 2.53
CA ASN A 171 28.34 19.25 1.99
C ASN A 171 28.16 17.99 1.09
N ARG A 172 27.17 18.14 0.20
CA ARG A 172 26.94 17.22 -0.91
C ARG A 172 26.38 15.87 -0.43
N LEU A 173 25.79 15.84 0.75
CA LEU A 173 25.04 14.68 1.25
C LEU A 173 23.61 15.20 1.37
N LEU A 174 22.68 14.35 0.95
CA LEU A 174 21.23 14.75 0.94
C LEU A 174 20.52 13.93 2.03
N TYR A 175 19.84 14.65 2.88
CA TYR A 175 19.05 14.02 3.99
C TYR A 175 17.59 14.00 3.71
N ALA A 176 16.97 12.86 3.96
CA ALA A 176 15.48 12.71 3.86
C ALA A 176 14.99 12.44 5.27
N VAL A 177 14.17 13.35 5.78
CA VAL A 177 13.84 13.34 7.20
C VAL A 177 12.36 13.13 7.42
N GLY A 178 12.00 12.15 8.24
CA GLY A 178 10.58 12.01 8.60
C GLY A 178 9.71 11.56 7.47
N GLY A 179 8.48 11.95 7.60
CA GLY A 179 7.48 11.63 6.58
C GLY A 179 6.45 10.54 7.01
N PHE A 180 5.83 9.91 6.03
CA PHE A 180 4.75 8.91 6.26
C PHE A 180 4.98 7.84 5.16
N ASP A 181 4.99 6.57 5.63
CA ASP A 181 5.26 5.43 4.73
C ASP A 181 4.01 4.80 4.23
N GLY A 182 2.85 5.41 4.49
CA GLY A 182 1.52 4.92 4.10
C GLY A 182 0.77 4.22 5.25
N THR A 183 1.46 3.90 6.32
N THR A 183 1.54 3.82 6.24
CA THR A 183 0.86 3.22 7.50
CA THR A 183 1.00 3.14 7.43
C THR A 183 1.39 3.88 8.81
C THR A 183 1.35 4.05 8.65
N ASN A 184 2.67 4.27 8.83
CA ASN A 184 3.29 4.91 10.00
C ASN A 184 3.84 6.28 9.68
N ARG A 185 3.56 7.22 10.57
CA ARG A 185 4.34 8.49 10.57
C ARG A 185 5.72 8.21 11.13
N LEU A 186 6.77 8.88 10.61
CA LEU A 186 8.11 8.50 10.87
C LEU A 186 8.94 9.48 11.70
N ASN A 187 9.73 8.97 12.64
CA ASN A 187 10.80 9.78 13.14
C ASN A 187 12.16 9.54 12.49
N SER A 188 12.22 8.52 11.63
CA SER A 188 13.50 8.12 11.13
C SER A 188 13.98 9.05 10.04
N ALA A 189 15.25 8.94 9.71
CA ALA A 189 15.85 9.80 8.67
C ALA A 189 16.97 9.05 8.06
N GLU A 190 17.32 9.42 6.83
CA GLU A 190 18.37 8.67 6.13
C GLU A 190 19.15 9.69 5.23
N CYS A 191 20.33 9.30 4.82
CA CYS A 191 21.22 10.18 4.08
C CYS A 191 21.65 9.52 2.80
N TYR A 192 21.67 10.31 1.71
CA TYR A 192 22.14 9.78 0.41
C TYR A 192 23.52 10.28 0.08
N TYR A 193 24.37 9.35 -0.36
CA TYR A 193 25.77 9.62 -0.67
C TYR A 193 25.85 9.50 -2.19
N PRO A 194 25.86 10.65 -2.93
CA PRO A 194 25.84 10.58 -4.42
C PRO A 194 27.04 9.89 -5.03
N GLU A 195 28.21 9.91 -4.38
CA GLU A 195 29.44 9.26 -4.86
CA GLU A 195 29.39 9.24 -5.03
C GLU A 195 29.31 7.75 -4.92
N ARG A 196 28.46 7.23 -4.03
CA ARG A 196 28.25 5.76 -3.88
C ARG A 196 26.81 5.37 -4.34
N ASN A 197 25.99 6.34 -4.71
CA ASN A 197 24.53 6.07 -5.03
C ASN A 197 23.94 5.17 -3.94
N GLU A 198 24.12 5.59 -2.67
CA GLU A 198 23.77 4.76 -1.50
C GLU A 198 23.06 5.56 -0.48
N TRP A 199 22.02 4.93 0.08
CA TRP A 199 21.34 5.52 1.19
C TRP A 199 21.68 4.78 2.47
N ARG A 200 21.92 5.52 3.56
CA ARG A 200 22.19 4.94 4.88
C ARG A 200 21.33 5.64 5.96
N MET A 201 20.74 4.89 6.88
CA MET A 201 19.95 5.47 7.97
CA MET A 201 19.94 5.48 7.93
C MET A 201 20.87 6.32 8.82
N ILE A 202 20.30 7.46 9.33
CA ILE A 202 21.02 8.26 10.36
C ILE A 202 20.28 8.05 11.69
N THR A 203 20.76 8.73 12.75
CA THR A 203 20.00 8.72 14.03
C THR A 203 18.57 9.19 13.83
N PRO A 204 17.54 8.57 14.45
CA PRO A 204 16.18 9.04 14.27
C PRO A 204 16.02 10.32 15.12
N MET A 205 15.05 11.13 14.67
CA MET A 205 14.64 12.34 15.42
C MET A 205 14.08 11.91 16.78
N ASN A 206 14.02 12.90 17.66
CA ASN A 206 13.30 12.77 18.92
C ASN A 206 11.81 12.58 18.76
N THR A 207 11.20 13.14 17.69
CA THR A 207 9.73 13.24 17.55
C THR A 207 9.42 12.71 16.18
N ILE A 208 8.28 12.08 16.13
CA ILE A 208 7.64 11.67 14.88
CA ILE A 208 7.67 11.66 14.85
C ILE A 208 7.18 12.93 14.11
N ARG A 209 7.61 13.08 12.83
CA ARG A 209 7.11 14.32 12.05
C ARG A 209 6.92 13.96 10.59
N SER A 210 5.71 14.08 10.18
CA SER A 210 5.35 14.14 8.77
CA SER A 210 5.42 14.16 8.75
C SER A 210 5.02 15.60 8.42
N GLY A 211 5.34 16.03 7.20
CA GLY A 211 4.98 17.41 6.85
C GLY A 211 5.74 18.47 7.68
N ALA A 212 6.93 18.17 8.16
CA ALA A 212 7.76 19.18 8.79
C ALA A 212 8.42 20.10 7.76
N GLY A 213 8.97 21.19 8.24
CA GLY A 213 9.88 21.96 7.39
C GLY A 213 11.33 21.57 7.69
N VAL A 214 12.05 21.14 6.68
CA VAL A 214 13.49 20.75 6.85
C VAL A 214 14.39 21.63 6.10
N CYS A 215 15.46 22.11 6.74
CA CYS A 215 16.46 22.95 6.07
C CYS A 215 17.84 22.77 6.73
N VAL A 216 18.85 23.42 6.20
CA VAL A 216 20.20 23.33 6.79
C VAL A 216 20.60 24.73 7.19
N LEU A 217 21.24 24.84 8.35
CA LEU A 217 21.80 26.15 8.81
C LEU A 217 22.98 25.83 9.75
N HIS A 218 24.14 26.43 9.42
CA HIS A 218 25.37 26.30 10.26
C HIS A 218 25.68 24.88 10.61
N ASN A 219 25.76 24.06 9.56
N ASN A 219 25.81 24.01 9.61
CA ASN A 219 26.12 22.64 9.69
CA ASN A 219 26.21 22.60 9.86
C ASN A 219 25.19 21.72 10.53
C ASN A 219 25.19 21.70 10.63
N CYS A 220 23.94 22.16 10.69
CA CYS A 220 22.92 21.38 11.30
C CYS A 220 21.71 21.26 10.39
N ILE A 221 21.11 20.09 10.42
CA ILE A 221 19.86 19.87 9.63
CA ILE A 221 19.84 19.87 9.64
C ILE A 221 18.69 20.11 10.58
N TYR A 222 17.82 21.11 10.27
CA TYR A 222 16.69 21.42 11.14
C TYR A 222 15.41 20.73 10.71
N ALA A 223 14.63 20.28 11.67
CA ALA A 223 13.25 19.76 11.37
C ALA A 223 12.31 20.57 12.23
N ALA A 224 11.48 21.43 11.63
CA ALA A 224 10.55 22.28 12.40
C ALA A 224 9.11 21.87 12.18
N GLY A 225 8.31 21.72 13.23
CA GLY A 225 6.97 21.43 13.12
C GLY A 225 6.62 20.08 12.54
N GLY A 226 5.48 19.98 11.89
CA GLY A 226 5.01 18.71 11.35
C GLY A 226 3.91 18.11 12.13
N TYR A 227 3.55 16.91 11.76
CA TYR A 227 2.38 16.25 12.35
C TYR A 227 2.83 14.85 12.76
N ASP A 228 2.48 14.49 14.01
CA ASP A 228 2.96 13.19 14.57
C ASP A 228 1.92 12.07 14.42
N GLY A 229 0.84 12.30 13.68
CA GLY A 229 -0.29 11.37 13.58
C GLY A 229 -1.50 11.80 14.38
N GLN A 230 -1.32 12.74 15.32
CA GLN A 230 -2.40 13.18 16.17
C GLN A 230 -2.33 14.71 16.25
N ASP A 231 -1.15 15.23 16.44
CA ASP A 231 -1.07 16.70 16.77
C ASP A 231 -0.20 17.40 15.72
N GLN A 232 -0.54 18.62 15.35
CA GLN A 232 0.43 19.52 14.68
C GLN A 232 1.42 20.01 15.77
N LEU A 233 2.70 20.07 15.41
CA LEU A 233 3.79 20.36 16.35
C LEU A 233 4.32 21.77 16.20
N ASN A 234 4.75 22.37 17.32
CA ASN A 234 5.57 23.59 17.29
C ASN A 234 7.02 23.31 17.59
N SER A 235 7.37 22.08 17.98
CA SER A 235 8.74 21.86 18.37
C SER A 235 9.71 21.85 17.21
N VAL A 236 10.98 22.11 17.46
CA VAL A 236 11.99 22.16 16.45
C VAL A 236 13.18 21.47 16.95
N GLU A 237 13.78 20.60 16.12
CA GLU A 237 15.05 19.95 16.52
C GLU A 237 16.04 20.00 15.43
N ARG A 238 17.29 19.82 15.78
CA ARG A 238 18.33 19.89 14.80
C ARG A 238 19.38 18.81 14.97
N TYR A 239 19.84 18.35 13.83
CA TYR A 239 20.79 17.22 13.75
C TYR A 239 22.16 17.78 13.46
N ASP A 240 23.07 17.53 14.44
CA ASP A 240 24.38 17.99 14.27
C ASP A 240 25.18 16.85 13.61
N VAL A 241 25.67 17.09 12.41
CA VAL A 241 26.31 16.03 11.68
C VAL A 241 27.58 15.50 12.38
N GLU A 242 28.28 16.34 13.15
CA GLU A 242 29.51 15.82 13.82
C GLU A 242 29.16 14.93 14.97
N THR A 243 28.25 15.38 15.81
CA THR A 243 27.90 14.56 16.99
C THR A 243 26.89 13.45 16.63
N GLU A 244 26.26 13.53 15.44
CA GLU A 244 25.14 12.58 15.18
C GLU A 244 23.97 12.56 16.17
N THR A 245 23.64 13.73 16.72
CA THR A 245 22.51 13.74 17.64
CA THR A 245 22.60 13.81 17.70
C THR A 245 21.58 14.81 17.24
N TRP A 246 20.34 14.59 17.62
CA TRP A 246 19.25 15.60 17.40
C TRP A 246 19.02 16.28 18.76
N THR A 247 18.97 17.63 18.75
CA THR A 247 18.70 18.36 19.95
CA THR A 247 18.63 18.34 20.00
C THR A 247 17.55 19.36 19.71
N PHE A 248 16.61 19.47 20.65
CA PHE A 248 15.59 20.53 20.55
C PHE A 248 16.22 21.91 20.68
N VAL A 249 15.68 22.84 19.86
CA VAL A 249 15.90 24.29 20.01
C VAL A 249 14.56 24.93 20.44
N ALA A 250 14.48 26.28 20.42
CA ALA A 250 13.26 26.94 20.78
C ALA A 250 12.08 26.53 19.82
N PRO A 251 10.87 26.26 20.35
CA PRO A 251 9.70 25.92 19.53
C PRO A 251 9.20 27.15 18.81
N MET A 252 8.63 26.95 17.64
CA MET A 252 7.99 28.07 16.96
C MET A 252 6.84 28.62 17.80
N ARG A 253 6.45 29.85 17.45
CA ARG A 253 5.31 30.49 18.06
C ARG A 253 4.01 29.82 17.71
N HIS A 254 3.91 29.25 16.51
CA HIS A 254 2.67 28.56 16.12
C HIS A 254 2.96 27.15 15.70
N HIS A 255 2.14 26.20 16.19
CA HIS A 255 2.12 24.78 15.67
C HIS A 255 1.73 24.80 14.26
N ARG A 256 2.40 23.95 13.47
CA ARG A 256 2.10 23.95 12.03
C ARG A 256 2.67 22.68 11.39
N SER A 257 1.92 22.15 10.44
CA SER A 257 2.43 21.12 9.51
C SER A 257 2.19 21.66 8.10
N ALA A 258 2.86 21.01 7.19
CA ALA A 258 2.86 21.39 5.75
C ALA A 258 3.22 22.87 5.59
N LEU A 259 4.26 23.30 6.27
CA LEU A 259 4.75 24.67 6.25
C LEU A 259 5.85 24.76 5.19
N GLY A 260 6.02 25.95 4.65
CA GLY A 260 7.21 26.18 3.87
C GLY A 260 8.34 26.64 4.78
N ILE A 261 9.55 26.36 4.35
CA ILE A 261 10.71 26.75 5.14
C ILE A 261 11.88 27.10 4.24
N THR A 262 12.62 28.11 4.64
CA THR A 262 13.85 28.44 3.90
C THR A 262 14.83 29.18 4.78
N VAL A 263 16.06 29.34 4.30
CA VAL A 263 17.04 30.12 5.07
C VAL A 263 17.34 31.34 4.22
N HIS A 264 17.38 32.49 4.90
CA HIS A 264 17.67 33.77 4.20
C HIS A 264 18.54 34.51 5.20
N GLN A 265 19.69 35.01 4.69
CA GLN A 265 20.65 35.82 5.50
C GLN A 265 20.88 35.26 6.91
N GLY A 266 21.09 33.94 6.95
CA GLY A 266 21.50 33.29 8.20
C GLY A 266 20.39 33.03 9.20
N LYS A 267 19.09 33.21 8.75
CA LYS A 267 17.99 32.94 9.65
C LYS A 267 17.02 31.99 8.95
N ILE A 268 16.29 31.18 9.70
CA ILE A 268 15.24 30.30 9.10
C ILE A 268 13.94 31.09 9.10
N TYR A 269 13.24 30.98 7.97
CA TYR A 269 11.86 31.49 7.84
C TYR A 269 10.88 30.31 7.67
N VAL A 270 9.79 30.33 8.47
CA VAL A 270 8.70 29.39 8.21
C VAL A 270 7.50 30.11 7.70
N LEU A 271 6.78 29.52 6.73
CA LEU A 271 5.63 30.23 6.12
C LEU A 271 4.45 29.31 6.08
N GLY A 272 3.35 29.84 6.64
CA GLY A 272 2.04 29.20 6.54
C GLY A 272 1.98 27.78 7.12
N GLY A 273 1.14 26.90 6.58
CA GLY A 273 0.86 25.60 7.23
C GLY A 273 -0.55 25.53 7.79
N TYR A 274 -0.88 24.36 8.31
CA TYR A 274 -2.17 24.12 8.95
C TYR A 274 -1.79 23.83 10.42
N ASP A 275 -2.59 24.38 11.32
CA ASP A 275 -2.30 24.12 12.76
C ASP A 275 -3.23 23.18 13.52
N GLY A 276 -4.14 22.50 12.82
CA GLY A 276 -5.16 21.55 13.37
C GLY A 276 -6.53 22.28 13.36
N HIS A 277 -6.52 23.60 13.22
CA HIS A 277 -7.74 24.45 13.23
C HIS A 277 -7.83 25.32 12.01
N THR A 278 -6.70 25.94 11.61
CA THR A 278 -6.67 27.12 10.74
C THR A 278 -5.61 26.96 9.74
N PHE A 279 -5.82 27.61 8.59
CA PHE A 279 -4.74 27.80 7.64
C PHE A 279 -3.97 29.08 7.91
N LEU A 280 -2.70 28.86 8.31
CA LEU A 280 -1.93 29.98 8.79
C LEU A 280 -1.39 30.88 7.67
N ASP A 281 -1.42 32.21 7.93
CA ASP A 281 -0.68 33.16 7.14
C ASP A 281 0.55 33.59 7.86
N SER A 282 0.76 33.02 9.05
CA SER A 282 1.88 33.46 9.89
C SER A 282 3.27 33.14 9.19
N VAL A 283 4.19 34.10 9.22
CA VAL A 283 5.58 33.82 8.88
C VAL A 283 6.34 34.15 10.18
N GLU A 284 7.26 33.24 10.53
CA GLU A 284 8.18 33.51 11.69
C GLU A 284 9.61 33.31 11.24
N CYS A 285 10.54 33.94 11.97
CA CYS A 285 11.96 34.01 11.59
C CYS A 285 12.73 33.57 12.83
N TYR A 286 13.51 32.53 12.67
CA TYR A 286 14.41 31.99 13.77
C TYR A 286 15.81 32.59 13.65
N ASP A 287 16.26 33.19 14.76
CA ASP A 287 17.68 33.66 14.94
C ASP A 287 18.41 32.62 15.79
N PRO A 288 19.37 31.95 15.16
CA PRO A 288 20.09 30.87 15.85
C PRO A 288 21.03 31.42 16.94
N ASP A 289 21.47 32.67 16.81
CA ASP A 289 22.30 33.19 17.95
C ASP A 289 21.53 33.31 19.25
N SER A 290 20.35 33.93 19.18
CA SER A 290 19.56 34.10 20.35
C SER A 290 18.63 32.95 20.71
N ASP A 291 18.51 32.03 19.69
CA ASP A 291 17.57 30.94 19.84
C ASP A 291 16.13 31.43 20.09
N THR A 292 15.67 32.32 19.19
CA THR A 292 14.34 32.91 19.40
C THR A 292 13.67 32.98 18.03
N TRP A 293 12.34 32.98 18.12
CA TRP A 293 11.48 33.11 16.91
C TRP A 293 10.76 34.43 16.97
N SER A 294 10.76 35.12 15.83
CA SER A 294 10.07 36.43 15.70
CA SER A 294 10.10 36.44 15.71
C SER A 294 8.89 36.32 14.77
N GLU A 295 7.77 36.96 15.11
CA GLU A 295 6.66 37.04 14.18
C GLU A 295 6.91 38.13 13.16
N VAL A 296 7.11 37.79 11.87
CA VAL A 296 7.41 38.82 10.92
C VAL A 296 6.15 39.00 10.01
N THR A 297 6.31 39.72 8.92
CA THR A 297 5.09 40.05 8.16
C THR A 297 4.39 38.85 7.52
N ARG A 298 3.09 38.72 7.75
CA ARG A 298 2.28 37.61 7.33
C ARG A 298 2.19 37.47 5.78
N MET A 299 1.88 36.22 5.36
CA MET A 299 1.53 35.98 3.94
CA MET A 299 1.47 35.95 3.97
C MET A 299 0.24 36.76 3.61
N THR A 300 0.04 36.93 2.29
CA THR A 300 -1.17 37.61 1.84
C THR A 300 -2.45 36.93 2.07
N SER A 301 -2.44 35.58 2.25
CA SER A 301 -3.56 34.78 2.61
C SER A 301 -3.04 33.46 3.22
N GLY A 302 -3.81 32.89 4.12
CA GLY A 302 -3.33 31.65 4.79
C GLY A 302 -3.39 30.51 3.78
N ARG A 303 -2.47 29.58 3.94
CA ARG A 303 -2.45 28.40 3.10
C ARG A 303 -1.42 27.44 3.62
N SER A 304 -1.50 26.24 3.15
CA SER A 304 -0.58 25.17 3.57
C SER A 304 -0.05 24.48 2.31
N GLY A 305 1.02 23.65 2.52
CA GLY A 305 1.52 22.79 1.45
C GLY A 305 2.17 23.54 0.30
N VAL A 306 2.84 24.64 0.63
CA VAL A 306 3.55 25.49 -0.38
C VAL A 306 4.92 24.92 -0.72
N GLY A 307 5.43 25.31 -1.89
CA GLY A 307 6.85 25.12 -2.23
C GLY A 307 7.55 26.45 -2.02
N VAL A 308 8.77 26.45 -1.50
CA VAL A 308 9.45 27.72 -1.23
C VAL A 308 10.90 27.59 -1.69
N ALA A 309 11.50 28.74 -2.08
CA ALA A 309 12.95 28.78 -2.25
C ALA A 309 13.38 30.24 -2.27
N VAL A 310 14.70 30.45 -2.30
CA VAL A 310 15.24 31.84 -2.23
CA VAL A 310 15.30 31.80 -2.17
C VAL A 310 16.24 32.08 -3.37
N THR A 311 16.23 33.32 -3.87
N THR A 311 15.93 33.16 -4.11
CA THR A 311 17.31 33.76 -4.79
CA THR A 311 16.85 33.71 -5.15
C THR A 311 17.19 35.25 -4.99
C THR A 311 16.70 35.22 -5.31
N MET B 1 -10.60 0.76 6.00
CA MET B 1 -9.43 0.98 5.10
C MET B 1 -9.85 0.96 3.61
N ASP B 2 -10.31 2.11 3.09
CA ASP B 2 -10.64 2.24 1.59
C ASP B 2 -9.85 3.32 0.87
N LEU B 3 -10.02 3.43 -0.44
CA LEU B 3 -9.06 4.26 -1.23
C LEU B 3 -9.24 5.69 -0.86
N ILE B 4 -10.46 6.17 -0.63
CA ILE B 4 -10.64 7.55 -0.13
C ILE B 4 -9.78 7.84 1.13
N ASP B 5 -9.79 6.93 2.11
CA ASP B 5 -9.04 7.08 3.36
C ASP B 5 -7.49 7.20 2.97
N ILE B 6 -6.99 6.32 2.10
CA ILE B 6 -5.55 6.37 1.70
C ILE B 6 -5.18 7.70 1.04
N LEU B 7 -5.96 8.12 0.03
CA LEU B 7 -5.67 9.47 -0.57
C LEU B 7 -5.76 10.61 0.42
N TRP B 8 -6.79 10.60 1.26
CA TRP B 8 -6.95 11.73 2.19
C TRP B 8 -5.77 11.73 3.17
N ARG B 9 -5.33 10.59 3.64
N ARG B 9 -5.35 10.57 3.66
CA ARG B 9 -4.22 10.61 4.62
CA ARG B 9 -4.21 10.52 4.62
C ARG B 9 -2.90 11.14 4.04
C ARG B 9 -2.92 11.16 4.05
N GLN B 10 -2.80 11.24 2.73
CA GLN B 10 -1.62 11.87 2.11
C GLN B 10 -1.69 13.36 2.23
N ASP B 11 -2.89 13.98 2.40
CA ASP B 11 -2.96 15.42 2.57
C ASP B 11 -3.56 15.83 3.93
N ILE B 12 -3.76 14.89 4.88
CA ILE B 12 -4.50 15.29 6.09
C ILE B 12 -3.76 16.42 6.82
N ASP B 13 -2.45 16.36 6.79
CA ASP B 13 -1.69 17.40 7.50
C ASP B 13 -1.54 18.71 6.73
N LEU B 14 -2.06 18.83 5.52
CA LEU B 14 -2.33 20.16 4.92
C LEU B 14 -3.59 20.81 5.39
N GLY B 15 -4.42 19.97 6.09
CA GLY B 15 -5.75 20.44 6.53
C GLY B 15 -6.85 20.18 5.53
N VAL B 16 -6.52 19.39 4.49
CA VAL B 16 -7.59 19.07 3.52
C VAL B 16 -8.65 18.17 4.15
N SER B 17 -9.93 18.36 3.82
N SER B 17 -9.92 18.36 3.75
CA SER B 17 -11.03 17.53 4.41
CA SER B 17 -11.09 17.61 4.34
C SER B 17 -11.18 16.25 3.65
C SER B 17 -11.26 16.29 3.63
N ARG B 18 -11.62 15.18 4.33
CA ARG B 18 -11.85 13.91 3.64
C ARG B 18 -12.86 14.07 2.48
N GLU B 19 -13.84 14.95 2.65
CA GLU B 19 -14.94 15.11 1.70
C GLU B 19 -14.45 15.49 0.33
N VAL B 20 -13.32 16.16 0.27
CA VAL B 20 -12.68 16.50 -0.97
C VAL B 20 -12.21 15.33 -1.82
N PHE B 21 -12.18 14.14 -1.25
CA PHE B 21 -11.66 12.96 -1.90
C PHE B 21 -12.76 12.00 -2.31
N ASP B 22 -14.01 12.40 -2.08
CA ASP B 22 -15.14 11.47 -2.24
C ASP B 22 -16.10 12.06 -3.26
N PHE B 23 -16.15 11.43 -4.45
CA PHE B 23 -17.01 11.81 -5.60
C PHE B 23 -18.14 10.78 -5.89
N SER B 24 -19.17 10.71 -5.03
CA SER B 24 -20.33 9.78 -5.14
C SER B 24 -19.99 8.29 -5.11
N VAL C 26 -25.34 -41.13 -4.35
CA VAL C 26 -25.53 -41.41 -2.88
C VAL C 26 -24.36 -40.79 -2.08
N GLY C 27 -23.16 -40.73 -2.67
CA GLY C 27 -21.99 -40.26 -1.93
C GLY C 27 -21.76 -38.76 -2.11
N ARG C 28 -20.97 -38.20 -1.23
CA ARG C 28 -20.63 -36.75 -1.27
C ARG C 28 -19.81 -36.47 -2.53
N LEU C 29 -19.98 -35.23 -3.05
CA LEU C 29 -19.27 -34.81 -4.27
C LEU C 29 -18.39 -33.62 -3.97
N ILE C 30 -17.30 -33.53 -4.72
CA ILE C 30 -16.35 -32.38 -4.67
C ILE C 30 -16.83 -31.37 -5.74
N TYR C 31 -17.20 -30.18 -5.29
CA TYR C 31 -17.64 -29.09 -6.22
C TYR C 31 -16.50 -28.17 -6.47
N THR C 32 -16.28 -27.82 -7.72
N THR C 32 -16.29 -27.82 -7.74
CA THR C 32 -15.28 -26.78 -8.04
CA THR C 32 -15.27 -26.80 -8.11
C THR C 32 -16.05 -25.68 -8.76
C THR C 32 -15.88 -25.65 -8.96
N ALA C 33 -15.78 -24.45 -8.38
CA ALA C 33 -16.50 -23.25 -8.91
C ALA C 33 -15.47 -22.25 -9.38
N GLY C 34 -15.72 -21.69 -10.58
CA GLY C 34 -14.86 -20.61 -10.98
C GLY C 34 -13.46 -21.04 -11.36
N GLY C 35 -12.58 -20.07 -11.33
CA GLY C 35 -11.19 -20.32 -11.68
C GLY C 35 -10.71 -19.43 -12.83
N TYR C 36 -9.51 -19.72 -13.29
CA TYR C 36 -8.89 -18.93 -14.38
C TYR C 36 -8.27 -19.85 -15.42
N PHE C 37 -8.56 -19.56 -16.69
CA PHE C 37 -7.79 -20.13 -17.84
C PHE C 37 -8.17 -19.21 -19.02
N ARG C 38 -7.16 -18.42 -19.41
CA ARG C 38 -7.36 -17.32 -20.42
C ARG C 38 -8.19 -16.12 -19.97
N GLN C 39 -9.19 -16.39 -19.14
CA GLN C 39 -9.96 -15.38 -18.46
C GLN C 39 -10.57 -16.08 -17.21
N SER C 40 -11.14 -15.27 -16.34
CA SER C 40 -11.90 -15.88 -15.22
C SER C 40 -13.10 -16.65 -15.72
N LEU C 41 -13.39 -17.72 -14.99
CA LEU C 41 -14.33 -18.75 -15.46
C LEU C 41 -15.63 -18.73 -14.66
N SER C 42 -16.65 -19.24 -15.32
N SER C 42 -16.70 -19.21 -15.26
CA SER C 42 -17.98 -19.42 -14.73
CA SER C 42 -17.98 -19.40 -14.52
C SER C 42 -18.36 -20.85 -14.30
C SER C 42 -18.40 -20.88 -14.33
N TYR C 43 -17.49 -21.84 -14.57
CA TYR C 43 -17.83 -23.18 -14.42
C TYR C 43 -18.19 -23.57 -12.99
N LEU C 44 -19.21 -24.42 -12.85
CA LEU C 44 -19.46 -25.21 -11.63
C LEU C 44 -19.50 -26.64 -12.10
N GLU C 45 -18.61 -27.54 -11.58
CA GLU C 45 -18.61 -28.94 -11.91
C GLU C 45 -18.56 -29.75 -10.62
N ALA C 46 -19.13 -30.93 -10.62
CA ALA C 46 -19.11 -31.82 -9.43
C ALA C 46 -18.37 -33.06 -9.77
N TYR C 47 -17.48 -33.52 -8.88
CA TYR C 47 -16.61 -34.71 -9.14
C TYR C 47 -17.00 -35.73 -8.13
N ASN C 48 -17.25 -36.91 -8.66
CA ASN C 48 -17.50 -38.07 -7.75
C ASN C 48 -16.23 -38.91 -7.59
N PRO C 49 -15.57 -38.83 -6.40
CA PRO C 49 -14.31 -39.53 -6.32
C PRO C 49 -14.41 -41.07 -6.35
N SER C 50 -15.58 -41.63 -6.11
N SER C 50 -15.62 -41.62 -6.15
CA SER C 50 -15.68 -43.08 -6.19
CA SER C 50 -15.89 -43.08 -6.20
C SER C 50 -15.26 -43.54 -7.57
C SER C 50 -15.65 -43.66 -7.57
N ASN C 51 -15.67 -42.79 -8.61
CA ASN C 51 -15.46 -43.20 -10.00
C ASN C 51 -14.77 -42.24 -10.91
N GLY C 52 -14.48 -41.04 -10.45
CA GLY C 52 -13.72 -40.09 -11.29
C GLY C 52 -14.54 -39.32 -12.28
N SER C 53 -15.85 -39.43 -12.16
CA SER C 53 -16.74 -38.79 -13.13
C SER C 53 -16.95 -37.31 -12.71
N TRP C 54 -17.13 -36.51 -13.71
CA TRP C 54 -17.45 -35.10 -13.59
C TRP C 54 -18.83 -34.80 -14.15
N LEU C 55 -19.59 -33.92 -13.52
CA LEU C 55 -20.89 -33.50 -14.12
C LEU C 55 -20.86 -31.97 -14.15
N ARG C 56 -21.19 -31.35 -15.27
CA ARG C 56 -21.25 -29.91 -15.31
C ARG C 56 -22.61 -29.42 -14.83
N LEU C 57 -22.57 -28.39 -13.96
CA LEU C 57 -23.77 -27.90 -13.29
C LEU C 57 -24.02 -26.50 -13.70
N ALA C 58 -24.99 -25.88 -13.07
CA ALA C 58 -25.37 -24.47 -13.45
C ALA C 58 -24.24 -23.52 -13.38
N ASP C 59 -23.99 -22.67 -14.40
CA ASP C 59 -22.93 -21.67 -14.38
C ASP C 59 -23.08 -20.61 -13.32
N LEU C 60 -22.00 -20.19 -12.71
CA LEU C 60 -21.98 -19.00 -11.85
C LEU C 60 -22.61 -17.78 -12.61
N GLN C 61 -23.27 -16.95 -11.85
CA GLN C 61 -23.85 -15.69 -12.40
C GLN C 61 -22.88 -14.71 -13.02
N VAL C 62 -21.62 -14.67 -12.53
CA VAL C 62 -20.52 -13.81 -12.98
C VAL C 62 -19.20 -14.63 -12.86
N PRO C 63 -18.39 -14.59 -13.90
CA PRO C 63 -17.14 -15.35 -13.84
C PRO C 63 -16.27 -14.83 -12.73
N ARG C 64 -15.51 -15.72 -12.07
CA ARG C 64 -14.57 -15.23 -11.07
C ARG C 64 -13.46 -16.26 -10.84
N SER C 65 -12.28 -15.73 -10.58
CA SER C 65 -11.09 -16.48 -10.15
C SER C 65 -10.71 -15.94 -8.80
N GLY C 66 -9.95 -16.76 -8.05
CA GLY C 66 -9.42 -16.30 -6.76
C GLY C 66 -10.52 -16.21 -5.68
N LEU C 67 -11.60 -16.97 -5.91
CA LEU C 67 -12.78 -16.99 -4.97
C LEU C 67 -12.51 -18.17 -3.99
N ALA C 68 -13.40 -18.29 -3.02
CA ALA C 68 -13.42 -19.49 -2.14
C ALA C 68 -14.74 -20.12 -2.16
N GLY C 69 -14.82 -21.42 -1.88
CA GLY C 69 -16.13 -22.10 -1.73
C GLY C 69 -16.24 -22.62 -0.26
N CYS C 70 -17.45 -22.82 0.19
CA CYS C 70 -17.70 -23.54 1.43
C CYS C 70 -19.06 -24.12 1.36
N VAL C 71 -19.38 -24.94 2.33
CA VAL C 71 -20.72 -25.51 2.46
C VAL C 71 -21.33 -25.18 3.83
N VAL C 72 -22.60 -24.71 3.84
CA VAL C 72 -23.30 -24.63 5.12
C VAL C 72 -24.67 -25.30 4.87
N GLY C 73 -25.14 -26.14 5.80
CA GLY C 73 -26.50 -26.72 5.67
C GLY C 73 -26.80 -27.36 4.31
N GLY C 74 -25.81 -28.00 3.75
CA GLY C 74 -25.92 -28.68 2.45
C GLY C 74 -25.95 -27.75 1.26
N LEU C 75 -25.84 -26.46 1.47
CA LEU C 75 -25.81 -25.49 0.34
C LEU C 75 -24.35 -25.04 0.09
N LEU C 76 -23.93 -24.91 -1.18
CA LEU C 76 -22.58 -24.44 -1.61
C LEU C 76 -22.61 -22.94 -1.68
N TYR C 77 -21.53 -22.28 -1.22
CA TYR C 77 -21.38 -20.84 -1.33
C TYR C 77 -20.13 -20.53 -2.08
N ALA C 78 -20.20 -19.54 -2.98
CA ALA C 78 -19.01 -19.01 -3.67
C ALA C 78 -18.84 -17.59 -3.22
N VAL C 79 -17.64 -17.23 -2.74
CA VAL C 79 -17.39 -15.99 -2.03
C VAL C 79 -16.18 -15.23 -2.63
N GLY C 80 -16.34 -13.97 -2.94
CA GLY C 80 -15.23 -13.09 -3.33
C GLY C 80 -14.65 -13.48 -4.73
N GLY C 81 -13.38 -13.14 -4.87
CA GLY C 81 -12.64 -13.31 -6.20
C GLY C 81 -12.60 -12.03 -7.04
N ARG C 82 -12.22 -12.28 -8.27
CA ARG C 82 -12.05 -11.19 -9.29
C ARG C 82 -12.38 -11.72 -10.61
N ASN C 83 -13.03 -10.85 -11.42
CA ASN C 83 -13.30 -11.21 -12.79
C ASN C 83 -12.26 -10.63 -13.70
N ASN C 84 -11.24 -11.42 -14.03
CA ASN C 84 -10.22 -10.96 -15.00
C ASN C 84 -10.71 -11.33 -16.39
N SER C 85 -10.97 -10.32 -17.22
CA SER C 85 -11.61 -10.58 -18.50
C SER C 85 -11.00 -9.59 -19.49
N PRO C 86 -11.34 -9.74 -20.79
CA PRO C 86 -10.77 -8.82 -21.74
C PRO C 86 -11.21 -7.38 -21.49
N ASP C 87 -12.29 -7.21 -20.71
CA ASP C 87 -12.84 -5.88 -20.47
C ASP C 87 -12.47 -5.26 -19.11
N GLY C 88 -11.77 -6.01 -18.23
CA GLY C 88 -11.55 -5.42 -16.91
C GLY C 88 -11.05 -6.41 -15.85
N ASN C 89 -10.76 -5.94 -14.67
CA ASN C 89 -10.27 -6.85 -13.58
C ASN C 89 -11.05 -6.47 -12.34
N THR C 90 -12.30 -6.89 -12.30
CA THR C 90 -13.19 -6.35 -11.28
C THR C 90 -13.23 -7.29 -10.07
N ASP C 91 -12.79 -6.75 -8.94
CA ASP C 91 -12.89 -7.55 -7.68
C ASP C 91 -14.34 -7.76 -7.31
N SER C 92 -14.58 -8.90 -6.66
CA SER C 92 -15.96 -9.25 -6.27
C SER C 92 -16.18 -9.16 -4.74
N SER C 93 -17.32 -8.60 -4.36
CA SER C 93 -17.83 -8.69 -2.98
C SER C 93 -18.96 -9.70 -2.93
N ALA C 94 -19.19 -10.51 -3.97
CA ALA C 94 -20.40 -11.27 -4.03
C ALA C 94 -20.33 -12.53 -3.17
N LEU C 95 -21.46 -12.90 -2.64
CA LEU C 95 -21.73 -14.20 -2.03
C LEU C 95 -22.91 -14.81 -2.78
N ASP C 96 -22.74 -15.97 -3.37
CA ASP C 96 -23.83 -16.65 -4.12
C ASP C 96 -23.99 -18.01 -3.55
N CYS C 97 -25.21 -18.55 -3.57
CA CYS C 97 -25.50 -19.80 -2.90
C CYS C 97 -26.05 -20.77 -3.96
N TYR C 98 -25.49 -21.93 -4.03
CA TYR C 98 -25.96 -22.96 -5.00
C TYR C 98 -26.61 -24.11 -4.27
N ASN C 99 -27.84 -24.49 -4.66
CA ASN C 99 -28.55 -25.59 -4.10
C ASN C 99 -28.41 -26.81 -4.97
N PRO C 100 -27.71 -27.85 -4.56
CA PRO C 100 -27.47 -29.01 -5.47
C PRO C 100 -28.77 -29.76 -5.76
N MET C 101 -29.75 -29.68 -4.87
N MET C 101 -29.81 -29.61 -4.93
CA MET C 101 -31.06 -30.36 -5.13
CA MET C 101 -31.12 -30.34 -5.15
C MET C 101 -31.68 -29.79 -6.40
C MET C 101 -31.95 -29.72 -6.24
N THR C 102 -31.69 -28.45 -6.49
CA THR C 102 -32.40 -27.65 -7.62
C THR C 102 -31.51 -27.22 -8.71
N ASN C 103 -30.19 -27.42 -8.51
CA ASN C 103 -29.25 -27.00 -9.50
C ASN C 103 -29.40 -25.54 -9.87
N GLN C 104 -29.59 -24.68 -8.89
CA GLN C 104 -29.68 -23.30 -9.13
C GLN C 104 -28.88 -22.45 -8.18
N TRP C 105 -28.40 -21.35 -8.71
CA TRP C 105 -27.70 -20.32 -7.90
C TRP C 105 -28.65 -19.25 -7.42
N SER C 106 -28.47 -18.71 -6.19
CA SER C 106 -29.26 -17.56 -5.74
C SER C 106 -28.28 -16.56 -5.13
N PRO C 107 -28.34 -15.31 -5.44
CA PRO C 107 -27.51 -14.26 -4.89
C PRO C 107 -27.87 -14.11 -3.38
N CYS C 108 -26.86 -13.86 -2.58
CA CYS C 108 -27.01 -13.51 -1.16
C CYS C 108 -26.46 -12.13 -0.95
N ALA C 109 -26.56 -11.60 0.24
CA ALA C 109 -26.04 -10.25 0.54
C ALA C 109 -24.51 -10.20 0.25
N SER C 110 -24.04 -9.12 -0.40
CA SER C 110 -22.61 -8.96 -0.67
C SER C 110 -21.89 -8.54 0.59
N MET C 111 -20.57 -8.84 0.58
CA MET C 111 -19.71 -8.38 1.66
C MET C 111 -19.54 -6.89 1.73
N SER C 112 -18.94 -6.46 2.85
CA SER C 112 -18.70 -5.03 3.03
C SER C 112 -17.74 -4.51 1.94
N VAL C 113 -16.85 -5.38 1.46
CA VAL C 113 -15.85 -4.87 0.52
C VAL C 113 -15.55 -6.05 -0.47
N PRO C 114 -15.09 -5.78 -1.68
CA PRO C 114 -14.58 -6.90 -2.53
C PRO C 114 -13.32 -7.52 -1.92
N ARG C 115 -13.21 -8.81 -2.16
CA ARG C 115 -12.10 -9.62 -1.69
C ARG C 115 -11.59 -10.64 -2.68
N ASN C 116 -10.65 -10.20 -3.52
CA ASN C 116 -9.97 -11.17 -4.39
C ASN C 116 -8.96 -11.94 -3.55
N ARG C 117 -8.78 -13.21 -3.89
CA ARG C 117 -7.79 -14.05 -3.15
C ARG C 117 -8.11 -14.13 -1.68
N ILE C 118 -9.40 -14.31 -1.43
CA ILE C 118 -10.05 -14.43 -0.12
C ILE C 118 -9.66 -15.82 0.45
N GLY C 119 -9.78 -15.86 1.79
CA GLY C 119 -9.84 -17.16 2.41
C GLY C 119 -11.15 -17.28 3.17
N VAL C 120 -11.70 -18.52 3.28
CA VAL C 120 -13.01 -18.66 3.94
C VAL C 120 -12.94 -19.92 4.80
N GLY C 121 -13.60 -19.75 5.95
CA GLY C 121 -13.87 -20.94 6.81
C GLY C 121 -15.23 -20.80 7.47
N VAL C 122 -15.77 -21.92 7.94
CA VAL C 122 -17.11 -21.98 8.52
C VAL C 122 -16.96 -22.31 10.04
N ILE C 123 -17.57 -21.52 10.88
CA ILE C 123 -17.71 -21.92 12.34
C ILE C 123 -19.20 -21.85 12.70
N ASP C 124 -19.77 -22.98 13.17
CA ASP C 124 -21.13 -23.03 13.67
C ASP C 124 -22.12 -22.32 12.75
N GLY C 125 -21.99 -22.73 11.47
CA GLY C 125 -22.99 -22.33 10.48
C GLY C 125 -22.82 -20.93 9.94
N HIS C 126 -21.79 -20.20 10.39
CA HIS C 126 -21.46 -18.89 9.85
C HIS C 126 -20.23 -18.94 8.99
N ILE C 127 -20.26 -18.12 7.96
CA ILE C 127 -19.14 -18.10 6.94
C ILE C 127 -18.25 -16.94 7.29
N TYR C 128 -16.94 -17.21 7.51
CA TYR C 128 -15.99 -16.15 7.70
C TYR C 128 -15.20 -15.89 6.45
N ALA C 129 -15.27 -14.61 6.05
CA ALA C 129 -14.42 -14.11 4.90
C ALA C 129 -13.22 -13.39 5.42
N VAL C 130 -12.01 -13.87 5.05
CA VAL C 130 -10.77 -13.45 5.62
C VAL C 130 -9.87 -12.81 4.52
N GLY C 131 -9.40 -11.55 4.77
CA GLY C 131 -8.34 -10.98 3.92
C GLY C 131 -8.79 -10.75 2.49
N GLY C 132 -7.85 -10.98 1.55
CA GLY C 132 -8.13 -10.62 0.16
C GLY C 132 -7.82 -9.22 -0.21
N SER C 133 -8.15 -8.85 -1.43
CA SER C 133 -7.71 -7.52 -1.91
C SER C 133 -8.89 -6.87 -2.65
N HIS C 134 -8.82 -5.51 -2.65
CA HIS C 134 -9.72 -4.72 -3.51
C HIS C 134 -8.89 -3.62 -4.12
N GLY C 135 -8.71 -3.70 -5.41
CA GLY C 135 -7.85 -2.70 -6.06
C GLY C 135 -6.51 -2.82 -5.46
N CYS C 136 -5.93 -1.69 -5.05
CA CYS C 136 -4.61 -1.77 -4.49
C CYS C 136 -4.53 -2.08 -3.00
N ILE C 137 -5.69 -2.33 -2.34
CA ILE C 137 -5.70 -2.54 -0.88
C ILE C 137 -5.68 -4.05 -0.56
N HIS C 138 -4.77 -4.40 0.35
CA HIS C 138 -4.65 -5.77 0.80
C HIS C 138 -5.18 -5.78 2.17
N HIS C 139 -6.33 -6.48 2.33
CA HIS C 139 -7.01 -6.40 3.62
C HIS C 139 -6.44 -7.24 4.74
N SER C 140 -6.52 -6.73 5.99
CA SER C 140 -6.42 -7.55 7.24
C SER C 140 -7.84 -7.77 7.78
N SER C 141 -8.85 -7.09 7.25
CA SER C 141 -10.22 -7.21 7.85
C SER C 141 -10.87 -8.59 7.58
N VAL C 142 -11.85 -8.89 8.42
CA VAL C 142 -12.53 -10.21 8.38
C VAL C 142 -13.99 -9.95 8.66
N GLU C 143 -14.88 -10.61 7.95
CA GLU C 143 -16.32 -10.46 8.25
C GLU C 143 -17.02 -11.81 8.26
N ARG C 144 -18.18 -11.87 8.86
CA ARG C 144 -18.91 -13.09 9.16
C ARG C 144 -20.34 -12.99 8.61
N TYR C 145 -20.75 -14.05 7.86
CA TYR C 145 -22.10 -14.12 7.34
C TYR C 145 -22.93 -15.12 8.13
N GLU C 146 -24.14 -14.64 8.40
CA GLU C 146 -25.17 -15.42 9.07
C GLU C 146 -26.25 -15.82 8.01
N PRO C 147 -26.29 -17.05 7.57
CA PRO C 147 -27.31 -17.50 6.55
C PRO C 147 -28.75 -17.23 6.94
N GLU C 148 -29.07 -17.36 8.24
CA GLU C 148 -30.49 -17.21 8.60
C GLU C 148 -30.94 -15.76 8.56
N ARG C 149 -30.02 -14.77 8.56
CA ARG C 149 -30.42 -13.40 8.52
C ARG C 149 -30.00 -12.74 7.21
N ASP C 150 -29.20 -13.49 6.43
CA ASP C 150 -28.59 -12.93 5.20
C ASP C 150 -27.90 -11.63 5.49
N GLU C 151 -27.02 -11.65 6.52
CA GLU C 151 -26.30 -10.45 6.92
C GLU C 151 -24.80 -10.77 7.11
N TRP C 152 -23.97 -9.80 6.71
CA TRP C 152 -22.52 -9.77 6.99
C TRP C 152 -22.25 -8.77 8.06
N HIS C 153 -21.29 -9.11 8.96
CA HIS C 153 -20.77 -8.08 9.91
C HIS C 153 -19.31 -8.28 10.10
N LEU C 154 -18.59 -7.16 10.21
CA LEU C 154 -17.14 -7.27 10.46
C LEU C 154 -16.88 -7.79 11.85
N VAL C 155 -15.79 -8.55 11.97
CA VAL C 155 -15.29 -8.98 13.32
C VAL C 155 -13.90 -8.40 13.41
N ALA C 156 -13.15 -8.81 14.44
CA ALA C 156 -11.79 -8.25 14.57
C ALA C 156 -10.90 -8.59 13.39
N PRO C 157 -10.05 -7.65 13.00
CA PRO C 157 -9.11 -7.94 11.89
C PRO C 157 -7.93 -8.82 12.33
N MET C 158 -7.37 -9.49 11.31
CA MET C 158 -6.11 -10.27 11.55
C MET C 158 -5.04 -9.26 12.01
N LEU C 159 -3.98 -9.91 12.46
CA LEU C 159 -2.75 -9.16 12.85
C LEU C 159 -1.92 -8.76 11.65
N THR C 160 -2.24 -9.32 10.47
CA THR C 160 -1.46 -9.20 9.25
C THR C 160 -2.40 -9.01 8.10
N ARG C 161 -2.06 -8.17 7.16
CA ARG C 161 -2.81 -8.15 5.86
C ARG C 161 -2.47 -9.47 5.12
N ARG C 162 -3.49 -10.16 4.56
CA ARG C 162 -3.18 -11.45 3.86
C ARG C 162 -4.07 -11.61 2.70
N ILE C 163 -3.48 -11.74 1.53
CA ILE C 163 -4.32 -12.19 0.36
C ILE C 163 -3.69 -13.45 -0.12
N GLY C 164 -4.49 -14.32 -0.75
CA GLY C 164 -3.88 -15.60 -1.18
C GLY C 164 -3.60 -16.44 0.07
N VAL C 165 -4.38 -16.24 1.12
CA VAL C 165 -4.29 -16.85 2.47
C VAL C 165 -5.09 -18.14 2.39
N GLY C 166 -4.64 -19.16 3.09
CA GLY C 166 -5.45 -20.39 3.19
C GLY C 166 -6.09 -20.46 4.57
N VAL C 167 -7.27 -21.00 4.68
CA VAL C 167 -8.04 -20.98 5.94
C VAL C 167 -8.55 -22.35 6.21
N ALA C 168 -8.48 -22.75 7.51
CA ALA C 168 -9.17 -23.98 7.90
C ALA C 168 -9.62 -23.83 9.36
N VAL C 169 -10.63 -24.59 9.67
CA VAL C 169 -11.24 -24.50 11.01
C VAL C 169 -11.06 -25.85 11.73
N LEU C 170 -10.64 -25.81 12.98
CA LEU C 170 -10.53 -27.05 13.73
C LEU C 170 -11.00 -26.77 15.16
N ASN C 171 -11.97 -27.54 15.61
CA ASN C 171 -12.58 -27.35 17.00
C ASN C 171 -12.88 -25.85 17.28
N ARG C 172 -13.55 -25.19 16.31
CA ARG C 172 -14.10 -23.83 16.46
C ARG C 172 -13.01 -22.77 16.59
N LEU C 173 -11.79 -23.07 16.12
CA LEU C 173 -10.72 -22.07 16.00
C LEU C 173 -10.42 -21.99 14.52
N LEU C 174 -10.26 -20.77 14.04
CA LEU C 174 -10.04 -20.54 12.61
C LEU C 174 -8.63 -20.11 12.33
N TYR C 175 -7.98 -20.82 11.42
CA TYR C 175 -6.53 -20.55 11.11
C TYR C 175 -6.39 -19.87 9.82
N ALA C 176 -5.60 -18.81 9.78
CA ALA C 176 -5.26 -18.05 8.54
C ALA C 176 -3.79 -18.25 8.31
N VAL C 177 -3.45 -18.88 7.17
CA VAL C 177 -2.11 -19.45 7.00
C VAL C 177 -1.45 -18.83 5.77
N GLY C 178 -0.28 -18.24 5.94
CA GLY C 178 0.45 -17.72 4.77
C GLY C 178 -0.20 -16.57 4.09
N GLY C 179 0.09 -16.49 2.83
CA GLY C 179 -0.48 -15.39 2.03
C GLY C 179 0.56 -14.36 1.55
N PHE C 180 0.08 -13.17 1.23
CA PHE C 180 0.90 -12.05 0.72
C PHE C 180 0.29 -10.80 1.28
N ASP C 181 1.17 -9.98 1.86
CA ASP C 181 0.66 -8.74 2.54
C ASP C 181 0.78 -7.52 1.68
N GLY C 182 1.07 -7.71 0.39
CA GLY C 182 1.21 -6.59 -0.55
C GLY C 182 2.69 -6.27 -0.88
N THR C 183 3.56 -6.72 -0.02
CA THR C 183 5.01 -6.55 -0.16
C THR C 183 5.75 -7.87 0.03
N ASN C 184 5.43 -8.62 1.10
CA ASN C 184 6.09 -9.87 1.46
C ASN C 184 5.16 -11.05 1.32
N ARG C 185 5.65 -12.11 0.66
CA ARG C 185 5.02 -13.46 0.76
C ARG C 185 5.30 -13.99 2.17
N LEU C 186 4.36 -14.72 2.78
CA LEU C 186 4.36 -15.00 4.12
C LEU C 186 4.51 -16.46 4.53
N ASN C 187 5.34 -16.73 5.54
CA ASN C 187 5.27 -18.01 6.21
C ASN C 187 4.49 -17.99 7.50
N SER C 188 4.02 -16.80 7.88
CA SER C 188 3.36 -16.68 9.21
C SER C 188 1.91 -17.21 9.14
N ALA C 189 1.36 -17.44 10.31
CA ALA C 189 0.00 -17.93 10.41
C ALA C 189 -0.55 -17.50 11.74
N GLU C 190 -1.86 -17.38 11.81
CA GLU C 190 -2.48 -16.87 13.03
C GLU C 190 -3.86 -17.55 13.18
N CYS C 191 -4.40 -17.45 14.38
CA CYS C 191 -5.61 -18.20 14.79
C CYS C 191 -6.62 -17.27 15.40
N TYR C 192 -7.91 -17.41 14.98
CA TYR C 192 -8.97 -16.61 15.53
C TYR C 192 -9.80 -17.41 16.54
N TYR C 193 -10.03 -16.80 17.68
CA TYR C 193 -10.79 -17.34 18.78
C TYR C 193 -12.13 -16.63 18.80
N PRO C 194 -13.20 -17.23 18.29
CA PRO C 194 -14.46 -16.47 18.17
C PRO C 194 -15.07 -16.07 19.50
N GLU C 195 -14.82 -16.84 20.58
CA GLU C 195 -15.41 -16.48 21.88
CA GLU C 195 -15.38 -16.49 21.89
C GLU C 195 -14.75 -15.25 22.44
N ARG C 196 -13.55 -14.92 21.93
CA ARG C 196 -12.84 -13.73 22.42
C ARG C 196 -12.72 -12.66 21.34
N ASN C 197 -13.25 -12.96 20.13
CA ASN C 197 -13.03 -12.07 18.94
C ASN C 197 -11.57 -11.63 18.87
N GLU C 198 -10.62 -12.59 18.95
CA GLU C 198 -9.21 -12.24 19.09
C GLU C 198 -8.42 -13.06 18.14
N TRP C 199 -7.45 -12.42 17.48
CA TRP C 199 -6.50 -13.22 16.68
C TRP C 199 -5.16 -13.31 17.43
N ARG C 200 -4.54 -14.50 17.39
CA ARG C 200 -3.20 -14.70 18.00
CA ARG C 200 -3.17 -14.59 17.92
C ARG C 200 -2.26 -15.37 16.96
N MET C 201 -1.04 -14.90 16.83
CA MET C 201 -0.06 -15.56 15.98
CA MET C 201 -0.12 -15.55 15.93
C MET C 201 0.17 -16.98 16.46
N ILE C 202 0.35 -17.90 15.48
CA ILE C 202 0.82 -19.26 15.86
C ILE C 202 2.27 -19.44 15.40
N THR C 203 2.82 -20.65 15.58
CA THR C 203 4.16 -20.92 14.99
C THR C 203 4.18 -20.68 13.46
N PRO C 204 5.21 -20.06 12.85
CA PRO C 204 5.23 -19.88 11.41
C PRO C 204 5.54 -21.25 10.75
N MET C 205 5.08 -21.38 9.51
CA MET C 205 5.45 -22.54 8.74
C MET C 205 6.96 -22.54 8.48
N ASN C 206 7.40 -23.71 8.03
CA ASN C 206 8.70 -23.91 7.49
C ASN C 206 9.03 -23.13 6.25
N THR C 207 8.03 -22.97 5.33
CA THR C 207 8.21 -22.42 4.00
C THR C 207 7.22 -21.22 3.86
N ILE C 208 7.70 -20.20 3.18
CA ILE C 208 6.85 -19.10 2.69
C ILE C 208 5.85 -19.70 1.65
N ARG C 209 4.55 -19.41 1.85
CA ARG C 209 3.50 -19.97 0.90
C ARG C 209 2.40 -18.91 0.74
N SER C 210 2.23 -18.46 -0.47
N SER C 210 2.29 -18.33 -0.43
CA SER C 210 1.11 -17.68 -0.86
CA SER C 210 1.05 -17.65 -0.82
C SER C 210 0.33 -18.53 -1.88
C SER C 210 0.31 -18.61 -1.77
N GLY C 211 -1.02 -18.54 -1.87
CA GLY C 211 -1.76 -19.38 -2.78
C GLY C 211 -1.60 -20.88 -2.52
N ALA C 212 -1.36 -21.24 -1.28
CA ALA C 212 -1.35 -22.66 -0.90
C ALA C 212 -2.78 -23.20 -0.76
N GLY C 213 -2.89 -24.50 -0.75
CA GLY C 213 -4.15 -25.18 -0.33
C GLY C 213 -4.09 -25.48 1.16
N VAL C 214 -5.01 -24.94 1.93
CA VAL C 214 -5.07 -25.23 3.41
C VAL C 214 -6.34 -25.94 3.72
N CYS C 215 -6.20 -27.02 4.55
CA CYS C 215 -7.37 -27.76 5.02
C CYS C 215 -7.04 -28.42 6.34
N VAL C 216 -8.05 -29.05 6.94
N VAL C 216 -8.01 -29.10 6.91
CA VAL C 216 -7.88 -29.83 8.18
CA VAL C 216 -7.77 -29.77 8.17
C VAL C 216 -8.05 -31.27 7.94
C VAL C 216 -8.12 -31.21 8.05
N LEU C 217 -7.22 -32.06 8.55
CA LEU C 217 -7.43 -33.56 8.54
C LEU C 217 -6.80 -34.14 9.83
N HIS C 218 -7.61 -34.89 10.60
CA HIS C 218 -7.14 -35.61 11.81
C HIS C 218 -6.36 -34.73 12.71
N ASN C 219 -6.97 -33.63 13.14
CA ASN C 219 -6.29 -32.71 14.11
C ASN C 219 -5.03 -31.91 13.71
N CYS C 220 -4.82 -31.86 12.38
CA CYS C 220 -3.69 -31.16 11.82
C CYS C 220 -4.15 -30.23 10.68
N ILE C 221 -3.49 -29.09 10.63
CA ILE C 221 -3.84 -28.10 9.57
C ILE C 221 -2.79 -28.25 8.55
N TYR C 222 -3.19 -28.61 7.31
CA TYR C 222 -2.25 -28.84 6.26
C TYR C 222 -2.11 -27.62 5.36
N ALA C 223 -0.90 -27.39 4.95
CA ALA C 223 -0.60 -26.34 3.95
C ALA C 223 0.13 -27.04 2.79
N ALA C 224 -0.54 -27.14 1.62
CA ALA C 224 0.05 -27.81 0.47
C ALA C 224 0.39 -26.88 -0.65
N GLY C 225 1.56 -26.88 -1.19
CA GLY C 225 1.95 -26.14 -2.34
C GLY C 225 1.99 -24.64 -2.06
N GLY C 226 1.72 -23.89 -3.09
CA GLY C 226 1.77 -22.41 -3.00
C GLY C 226 2.96 -21.88 -3.71
N TYR C 227 3.21 -20.60 -3.48
CA TYR C 227 4.21 -19.86 -4.26
C TYR C 227 5.03 -19.10 -3.22
N ASP C 228 6.36 -19.23 -3.28
CA ASP C 228 7.22 -18.57 -2.27
C ASP C 228 7.75 -17.17 -2.69
N GLY C 229 7.29 -16.64 -3.82
CA GLY C 229 7.75 -15.42 -4.46
C GLY C 229 8.63 -15.72 -5.64
N GLN C 230 9.17 -16.97 -5.71
N GLN C 230 9.06 -16.97 -5.85
CA GLN C 230 10.11 -17.35 -6.77
CA GLN C 230 9.96 -17.29 -6.99
C GLN C 230 9.46 -18.53 -7.51
C GLN C 230 9.64 -18.68 -7.54
N ASP C 231 9.13 -19.55 -6.71
CA ASP C 231 8.88 -20.95 -7.24
C ASP C 231 7.49 -21.35 -6.82
N GLN C 232 6.80 -22.08 -7.69
CA GLN C 232 5.66 -22.89 -7.25
C GLN C 232 6.18 -24.08 -6.45
N LEU C 233 5.48 -24.47 -5.40
CA LEU C 233 6.00 -25.48 -4.47
C LEU C 233 5.22 -26.81 -4.62
N ASN C 234 5.86 -27.92 -4.38
CA ASN C 234 5.20 -29.20 -4.21
C ASN C 234 5.19 -29.68 -2.79
N SER C 235 5.92 -28.98 -1.89
CA SER C 235 6.04 -29.49 -0.52
C SER C 235 4.74 -29.31 0.27
N VAL C 236 4.49 -30.10 1.29
CA VAL C 236 3.28 -30.09 2.09
C VAL C 236 3.70 -30.17 3.50
N GLU C 237 3.22 -29.25 4.32
CA GLU C 237 3.52 -29.36 5.78
C GLU C 237 2.24 -29.30 6.62
N ARG C 238 2.24 -29.81 7.84
CA ARG C 238 1.06 -29.79 8.65
C ARG C 238 1.39 -29.40 10.08
N TYR C 239 0.48 -28.62 10.60
CA TYR C 239 0.58 -28.06 11.94
C TYR C 239 -0.17 -28.95 12.86
N ASP C 240 0.54 -29.45 13.90
CA ASP C 240 -0.15 -30.21 14.88
C ASP C 240 -0.53 -29.25 16.02
N VAL C 241 -1.83 -29.13 16.33
CA VAL C 241 -2.31 -28.20 17.37
C VAL C 241 -1.75 -28.49 18.78
N GLU C 242 -1.50 -29.76 19.11
CA GLU C 242 -1.00 -30.06 20.48
C GLU C 242 0.45 -29.74 20.66
N THR C 243 1.29 -30.16 19.69
CA THR C 243 2.73 -29.91 19.73
C THR C 243 3.11 -28.52 19.28
N GLU C 244 2.19 -27.85 18.56
CA GLU C 244 2.51 -26.47 17.98
C GLU C 244 3.66 -26.45 16.99
N THR C 245 3.79 -27.53 16.24
N THR C 245 3.79 -27.55 16.25
CA THR C 245 4.94 -27.67 15.38
CA THR C 245 4.90 -27.70 15.33
C THR C 245 4.42 -27.90 14.00
C THR C 245 4.47 -28.02 13.93
N TRP C 246 5.17 -27.45 12.98
CA TRP C 246 4.87 -27.77 11.55
C TRP C 246 5.86 -28.82 11.11
N THR C 247 5.32 -29.88 10.45
N THR C 247 5.35 -29.92 10.51
CA THR C 247 6.14 -30.96 9.97
CA THR C 247 6.22 -30.96 9.98
C THR C 247 5.85 -31.21 8.49
C THR C 247 5.86 -31.35 8.58
N PHE C 248 6.89 -31.44 7.73
CA PHE C 248 6.70 -31.88 6.32
C PHE C 248 6.16 -33.28 6.27
N VAL C 249 5.21 -33.48 5.34
CA VAL C 249 4.83 -34.84 4.90
C VAL C 249 5.28 -35.05 3.43
N ALA C 250 4.78 -36.11 2.78
CA ALA C 250 5.18 -36.33 1.41
C ALA C 250 4.78 -35.17 0.47
N PRO C 251 5.65 -34.75 -0.43
CA PRO C 251 5.33 -33.66 -1.36
C PRO C 251 4.33 -34.15 -2.40
N MET C 252 3.50 -33.25 -2.96
CA MET C 252 2.63 -33.60 -4.08
C MET C 252 3.45 -34.06 -5.30
N ARG C 253 2.77 -34.77 -6.18
CA ARG C 253 3.39 -35.15 -7.42
C ARG C 253 3.64 -33.96 -8.34
N HIS C 254 2.76 -32.94 -8.31
CA HIS C 254 3.00 -31.75 -9.15
C HIS C 254 3.07 -30.49 -8.26
N HIS C 255 4.07 -29.63 -8.54
CA HIS C 255 4.16 -28.23 -7.90
C HIS C 255 3.01 -27.48 -8.38
N ARG C 256 2.41 -26.67 -7.48
CA ARG C 256 1.17 -25.92 -7.83
C ARG C 256 0.94 -24.83 -6.80
N SER C 257 0.46 -23.71 -7.36
CA SER C 257 -0.09 -22.66 -6.48
C SER C 257 -1.47 -22.36 -7.01
N ALA C 258 -2.27 -21.69 -6.20
CA ALA C 258 -3.70 -21.32 -6.53
C ALA C 258 -4.44 -22.63 -6.90
N LEU C 259 -4.26 -23.63 -6.08
CA LEU C 259 -4.91 -24.94 -6.19
C LEU C 259 -6.18 -24.97 -5.31
N GLY C 260 -7.16 -25.81 -5.74
CA GLY C 260 -8.29 -26.10 -4.86
C GLY C 260 -7.84 -27.22 -3.93
N ILE C 261 -8.42 -27.28 -2.76
CA ILE C 261 -8.16 -28.39 -1.84
C ILE C 261 -9.38 -28.69 -1.02
N THR C 262 -9.58 -29.96 -0.75
CA THR C 262 -10.67 -30.39 0.13
C THR C 262 -10.39 -31.71 0.73
N VAL C 263 -11.19 -32.10 1.73
CA VAL C 263 -11.06 -33.43 2.33
C VAL C 263 -12.34 -34.15 1.95
N HIS C 264 -12.14 -35.40 1.51
CA HIS C 264 -13.29 -36.27 1.17
C HIS C 264 -12.95 -37.63 1.69
N GLN C 265 -13.84 -38.24 2.50
CA GLN C 265 -13.66 -39.59 3.08
C GLN C 265 -12.27 -39.85 3.61
N GLY C 266 -11.77 -38.87 4.37
CA GLY C 266 -10.55 -39.09 5.15
C GLY C 266 -9.26 -38.85 4.35
N LYS C 267 -9.37 -38.34 3.09
CA LYS C 267 -8.17 -38.06 2.28
C LYS C 267 -8.22 -36.63 1.76
N ILE C 268 -7.08 -36.02 1.51
CA ILE C 268 -7.01 -34.69 0.91
C ILE C 268 -7.02 -34.84 -0.61
N TYR C 269 -7.85 -34.01 -1.29
CA TYR C 269 -7.76 -33.91 -2.75
C TYR C 269 -7.21 -32.49 -3.10
N VAL C 270 -6.29 -32.42 -4.04
CA VAL C 270 -5.85 -31.12 -4.56
C VAL C 270 -6.33 -31.07 -5.99
N LEU C 271 -6.77 -29.87 -6.45
CA LEU C 271 -7.34 -29.80 -7.83
C LEU C 271 -6.73 -28.61 -8.54
N GLY C 272 -6.15 -28.88 -9.70
CA GLY C 272 -5.66 -27.80 -10.59
C GLY C 272 -4.57 -26.88 -9.99
N GLY C 273 -4.53 -25.60 -10.37
CA GLY C 273 -3.43 -24.70 -9.99
C GLY C 273 -2.52 -24.40 -11.21
N TYR C 274 -1.56 -23.55 -10.95
CA TYR C 274 -0.57 -23.17 -11.96
C TYR C 274 0.77 -23.67 -11.39
N ASP C 275 1.56 -24.26 -12.32
CA ASP C 275 2.89 -24.78 -11.85
C ASP C 275 4.10 -23.95 -12.21
N GLY C 276 3.95 -22.75 -12.77
CA GLY C 276 5.07 -21.88 -13.18
C GLY C 276 5.15 -21.96 -14.72
N HIS C 277 4.55 -23.00 -15.32
CA HIS C 277 4.57 -23.23 -16.81
C HIS C 277 3.20 -23.37 -17.39
N THR C 278 2.36 -24.14 -16.70
CA THR C 278 1.13 -24.71 -17.21
C THR C 278 -0.01 -24.52 -16.23
N PHE C 279 -1.24 -24.53 -16.77
CA PHE C 279 -2.48 -24.61 -15.97
C PHE C 279 -2.80 -26.06 -15.80
N LEU C 280 -2.68 -26.55 -14.55
CA LEU C 280 -2.93 -27.97 -14.31
C LEU C 280 -4.39 -28.41 -14.34
N ASP C 281 -4.67 -29.56 -14.97
CA ASP C 281 -5.92 -30.33 -14.77
C ASP C 281 -5.72 -31.45 -13.78
N SER C 282 -4.52 -31.60 -13.24
CA SER C 282 -4.20 -32.72 -12.33
C SER C 282 -5.02 -32.64 -11.04
N VAL C 283 -5.57 -33.78 -10.64
CA VAL C 283 -6.14 -33.92 -9.29
C VAL C 283 -5.31 -35.04 -8.65
N GLU C 284 -4.86 -34.79 -7.40
CA GLU C 284 -4.14 -35.82 -6.66
C GLU C 284 -4.83 -36.02 -5.33
N CYS C 285 -4.68 -37.22 -4.75
CA CYS C 285 -5.33 -37.60 -3.50
C CYS C 285 -4.28 -38.09 -2.52
N TYR C 286 -4.24 -37.43 -1.37
CA TYR C 286 -3.30 -37.82 -0.29
C TYR C 286 -3.95 -38.80 0.71
N ASP C 287 -3.27 -39.94 0.93
CA ASP C 287 -3.67 -40.88 1.98
C ASP C 287 -2.72 -40.68 3.20
N PRO C 288 -3.32 -40.24 4.32
CA PRO C 288 -2.46 -39.95 5.48
C PRO C 288 -1.89 -41.23 6.10
N ASP C 289 -2.59 -42.37 5.98
CA ASP C 289 -2.00 -43.59 6.57
C ASP C 289 -0.67 -43.95 5.92
N SER C 290 -0.64 -43.99 4.58
CA SER C 290 0.52 -44.35 3.85
C SER C 290 1.50 -43.22 3.56
N ASP C 291 0.98 -41.95 3.78
CA ASP C 291 1.75 -40.80 3.43
C ASP C 291 2.17 -40.79 1.98
N THR C 292 1.14 -40.92 1.08
CA THR C 292 1.47 -41.04 -0.34
C THR C 292 0.38 -40.23 -1.06
N TRP C 293 0.76 -39.78 -2.25
CA TRP C 293 -0.19 -39.03 -3.15
C TRP C 293 -0.41 -39.89 -4.37
N SER C 294 -1.68 -39.93 -4.78
N SER C 294 -1.68 -39.95 -4.76
CA SER C 294 -2.15 -40.77 -5.92
CA SER C 294 -2.10 -40.68 -5.98
C SER C 294 -2.71 -39.86 -7.01
C SER C 294 -2.51 -39.68 -7.03
N GLU C 295 -2.29 -40.04 -8.28
CA GLU C 295 -2.87 -39.26 -9.40
C GLU C 295 -4.23 -39.84 -9.68
N VAL C 296 -5.29 -39.02 -9.51
CA VAL C 296 -6.62 -39.57 -9.75
C VAL C 296 -7.17 -38.91 -11.00
N THR C 297 -8.47 -39.03 -11.23
CA THR C 297 -8.98 -38.53 -12.53
C THR C 297 -8.90 -37.00 -12.67
N ARG C 298 -8.33 -36.53 -13.76
CA ARG C 298 -8.11 -35.13 -14.03
C ARG C 298 -9.43 -34.30 -14.12
N MET C 299 -9.27 -33.00 -13.83
CA MET C 299 -10.32 -32.02 -14.21
C MET C 299 -10.64 -32.06 -15.70
N THR C 300 -11.82 -31.50 -16.03
CA THR C 300 -12.18 -31.46 -17.45
C THR C 300 -11.38 -30.51 -18.29
N SER C 301 -10.72 -29.52 -17.68
CA SER C 301 -9.83 -28.63 -18.35
C SER C 301 -8.98 -28.00 -17.24
N GLY C 302 -7.73 -27.71 -17.58
CA GLY C 302 -6.82 -27.09 -16.56
C GLY C 302 -7.28 -25.67 -16.22
N ARG C 303 -7.05 -25.31 -14.98
CA ARG C 303 -7.44 -24.00 -14.52
C ARG C 303 -6.85 -23.80 -13.12
N SER C 304 -6.73 -22.56 -12.70
CA SER C 304 -6.18 -22.21 -11.36
C SER C 304 -7.19 -21.33 -10.64
N GLY C 305 -7.02 -21.12 -9.33
CA GLY C 305 -7.80 -20.13 -8.60
C GLY C 305 -9.23 -20.49 -8.43
N VAL C 306 -9.49 -21.79 -8.25
CA VAL C 306 -10.90 -22.25 -8.07
C VAL C 306 -11.33 -22.13 -6.65
N GLY C 307 -12.67 -22.19 -6.45
CA GLY C 307 -13.23 -22.35 -5.08
C GLY C 307 -13.69 -23.79 -5.03
N VAL C 308 -13.51 -24.49 -3.89
CA VAL C 308 -13.91 -25.90 -3.80
C VAL C 308 -14.59 -26.16 -2.48
N ALA C 309 -15.52 -27.11 -2.46
CA ALA C 309 -16.13 -27.59 -1.22
C ALA C 309 -16.77 -28.95 -1.50
N VAL C 310 -17.23 -29.61 -0.43
N VAL C 310 -17.11 -29.68 -0.43
CA VAL C 310 -17.81 -30.95 -0.54
CA VAL C 310 -17.65 -31.06 -0.54
C VAL C 310 -19.13 -31.00 0.17
C VAL C 310 -19.01 -31.21 0.18
N THR C 311 -20.08 -31.66 -0.52
CA THR C 311 -21.38 -32.01 0.17
C THR C 311 -22.11 -33.10 -0.66
N MET D 1 7.01 0.46 -8.04
CA MET D 1 6.31 -0.18 -9.18
C MET D 1 5.04 0.66 -9.41
N ASP D 2 4.23 0.26 -10.39
CA ASP D 2 3.01 1.01 -10.66
C ASP D 2 1.74 0.23 -10.32
N LEU D 3 0.60 0.82 -10.51
CA LEU D 3 -0.65 0.09 -10.11
C LEU D 3 -0.83 -1.14 -10.88
N ILE D 4 -0.46 -1.17 -12.17
CA ILE D 4 -0.60 -2.44 -12.91
C ILE D 4 0.20 -3.55 -12.21
N ASP D 5 1.39 -3.24 -11.73
CA ASP D 5 2.20 -4.27 -11.07
C ASP D 5 1.54 -4.70 -9.72
N ILE D 6 0.88 -3.77 -9.02
CA ILE D 6 0.26 -4.15 -7.72
C ILE D 6 -0.90 -5.10 -8.05
N LEU D 7 -1.74 -4.75 -9.00
CA LEU D 7 -2.88 -5.61 -9.40
C LEU D 7 -2.38 -7.00 -9.88
N TRP D 8 -1.36 -6.98 -10.74
CA TRP D 8 -0.90 -8.28 -11.32
C TRP D 8 -0.37 -9.18 -10.22
N ARG D 9 0.40 -8.61 -9.29
N ARG D 9 0.42 -8.65 -9.29
CA ARG D 9 1.03 -9.39 -8.22
CA ARG D 9 1.01 -9.47 -8.22
C ARG D 9 0.01 -10.03 -7.26
C ARG D 9 -0.07 -10.18 -7.41
N GLN D 10 -1.27 -9.61 -7.34
CA GLN D 10 -2.35 -10.27 -6.61
C GLN D 10 -2.79 -11.60 -7.29
N ASP D 11 -2.52 -11.77 -8.62
CA ASP D 11 -2.88 -12.98 -9.31
C ASP D 11 -1.68 -13.67 -9.95
N ILE D 12 -0.46 -13.21 -9.67
CA ILE D 12 0.69 -13.82 -10.44
C ILE D 12 0.76 -15.34 -10.21
N ASP D 13 0.42 -15.78 -9.03
CA ASP D 13 0.41 -17.21 -8.76
C ASP D 13 -0.77 -18.00 -9.25
N LEU D 14 -1.78 -17.36 -9.84
CA LEU D 14 -2.70 -18.13 -10.69
C LEU D 14 -2.20 -18.40 -12.11
N GLY D 15 -1.08 -17.73 -12.46
CA GLY D 15 -0.55 -17.80 -13.79
C GLY D 15 -1.02 -16.69 -14.73
N VAL D 16 -1.67 -15.68 -14.15
CA VAL D 16 -2.30 -14.62 -15.02
C VAL D 16 -1.16 -13.75 -15.51
N SER D 17 -1.21 -13.32 -16.76
CA SER D 17 -0.10 -12.48 -17.37
C SER D 17 -0.27 -11.05 -16.98
N ARG D 18 0.84 -10.35 -16.86
CA ARG D 18 0.81 -8.88 -16.63
C ARG D 18 -0.03 -8.20 -17.70
N GLU D 19 0.00 -8.67 -18.93
CA GLU D 19 -0.75 -8.01 -20.02
C GLU D 19 -2.27 -7.83 -19.80
N VAL D 20 -2.88 -8.80 -19.11
CA VAL D 20 -4.28 -8.81 -18.72
C VAL D 20 -4.73 -7.61 -17.88
N PHE D 21 -3.75 -6.91 -17.30
CA PHE D 21 -3.97 -5.81 -16.39
C PHE D 21 -3.69 -4.46 -17.03
N ASP D 22 -3.21 -4.49 -18.25
CA ASP D 22 -2.67 -3.25 -18.80
C ASP D 22 -3.66 -2.76 -19.85
N PHE D 23 -4.42 -1.70 -19.51
CA PHE D 23 -5.59 -1.20 -20.28
C PHE D 23 -5.50 0.20 -20.90
N SER D 24 -4.38 0.53 -21.56
CA SER D 24 -4.14 1.86 -22.17
C SER D 24 -5.42 2.69 -22.50
C ACT E . 15.09 22.63 2.45
O ACT E . 16.24 22.36 1.92
OXT ACT E . 14.18 21.78 2.51
CH3 ACT E . 14.74 23.98 2.97
C ACT F . -10.08 -25.39 3.52
O ACT F . -10.00 -26.47 2.82
OXT ACT F . -9.58 -24.34 3.07
CH3 ACT F . -10.77 -25.29 4.89
#